data_6ILN
#
_entry.id   6ILN
#
_cell.length_a   1.0
_cell.length_b   1.0
_cell.length_c   1.0
_cell.angle_alpha   90.00
_cell.angle_beta   90.00
_cell.angle_gamma   90.00
#
_symmetry.space_group_name_H-M   'P 1'
#
loop_
_entity.id
_entity.type
_entity.pdbx_description
1 polymer 'Capsid protein VP1'
2 polymer 'Capsid protein VP2'
3 polymer 'Capsid protein VP3'
4 polymer 'Capsid protein VP4'
5 non-polymer SPHINGOSINE
#
loop_
_entity_poly.entity_id
_entity_poly.type
_entity_poly.pdbx_seq_one_letter_code
_entity_poly.pdbx_strand_id
1 'polypeptide(L)'
;VVRVADTMPSGPSNSESIPALTAAETGHTSQVVPSDTIQTRHVRNFHVRSESSVENFLSRSACVYIVEYKTRDDTPDKMY
DSWVINTRQVAQLRRKLEFFTYVRFDVEVTFVITSVQDDSTRQNTDTPALTHQIMYVPPGGPIPQAVDDYNWQTSTNPSV
FWTEGNAPPRMSIPFMSVGNAYSNFYDGWSHFSQTGVYGFNTLNNMGKLYFRHVNDKTISPITSKVRIYFKPKHVKAWVP
RPPRLCEYTHKDNVDFEPKGVTTSRTQLTISNSTH
;
A
2 'polypeptide(L)'
;SDRVRSITLGNSTITTQESANVVVGYGVWPDYLSDEEATAEDQPTQPDVATCRFYTLDSVSWMKESQGWWWKFPDALRDM
GLFGQNMQYHYLGRSGYTIHVQCNASKFHQGCLLVVCVPEAEMGAANINEKINREHLSNGEVANTFSGTKSSNTNDVQQA
VFNAGMGVAVGNLTIFPHQWINLRTNNCATIVMPYINSVPMDNMFRHYNFTLMIIPFAKLDYAAGSSTYIPITVTVAPMC
AEYNGLRLAGHQ
;
B
3 'polypeptide(L)'
;GLPVMNTPGSNQFLTSDDYQSPTAMPQFDVTPEMNIPGEVKNLMEIAEVDSVVPVNNVNENVNSLEAYRIPVHSVTETGA
QVFGFTLQPGADTVMERTLLGEILNYYANWSGSIKLTFMYCGSAMATGKFLLAYSPPGAGVPKNRREAMLGTHIIWDIGL
QSSCVLCVPWISQTHYRFVSKDIYTDAGFITCWYQTSIVVPAEVQNQSVILCFVSACNDFSVRLLRDSPFVRQTAFYQ
;
C
4 'polypeptide(L)' GAQVSTQKTGAHETSLSASGNSIHYTNINYYKDAASNSANRQDFTQDPGKFTEPVKDIMVKSLPALN D
#
loop_
_chem_comp.id
_chem_comp.type
_chem_comp.name
_chem_comp.formula
SPH non-polymer SPHINGOSINE 'C18 H37 N O2'
#
# COMPACT_ATOMS: atom_id res chain seq x y z
N VAL A 1 8.92 -24.36 8.19
CA VAL A 1 9.80 -23.95 9.27
C VAL A 1 10.84 -23.01 8.71
N VAL A 2 10.59 -21.70 8.83
CA VAL A 2 11.54 -20.67 8.44
C VAL A 2 11.67 -19.70 9.61
N ARG A 3 12.85 -19.62 10.20
CA ARG A 3 13.12 -18.72 11.30
C ARG A 3 13.47 -17.33 10.80
N VAL A 4 13.54 -16.38 11.73
CA VAL A 4 14.12 -15.07 11.45
C VAL A 4 15.62 -15.15 11.60
N ALA A 5 16.32 -14.11 11.16
CA ALA A 5 17.78 -14.13 11.14
C ALA A 5 18.36 -13.92 12.53
N ASP A 6 19.42 -14.68 12.83
CA ASP A 6 20.12 -14.56 14.09
C ASP A 6 20.94 -13.29 14.15
N THR A 7 21.36 -12.93 15.35
CA THR A 7 22.27 -11.82 15.56
C THR A 7 23.67 -12.39 15.80
N MET A 8 24.58 -12.04 14.97
CA MET A 8 25.96 -12.51 15.02
C MET A 8 26.78 -11.60 15.92
N PRO A 9 27.77 -12.14 16.64
CA PRO A 9 28.58 -11.29 17.50
C PRO A 9 29.57 -10.46 16.72
N SER A 10 29.99 -9.36 17.33
CA SER A 10 30.95 -8.46 16.73
C SER A 10 31.89 -7.93 17.81
N GLY A 11 32.97 -7.31 17.36
CA GLY A 11 33.94 -6.74 18.25
C GLY A 11 34.20 -5.29 17.93
N PRO A 12 35.27 -4.73 18.49
CA PRO A 12 35.62 -3.35 18.19
C PRO A 12 36.18 -3.24 16.78
N SER A 13 35.93 -2.10 16.14
CA SER A 13 36.38 -1.92 14.77
C SER A 13 36.91 -0.50 14.59
N ASN A 14 37.90 -0.37 13.70
CA ASN A 14 38.43 0.92 13.31
C ASN A 14 39.00 0.74 11.91
N SER A 15 38.23 1.10 10.90
CA SER A 15 38.65 0.93 9.51
C SER A 15 37.81 1.83 8.63
N GLU A 16 38.04 1.72 7.32
CA GLU A 16 37.33 2.50 6.32
C GLU A 16 36.02 1.88 5.90
N SER A 17 35.57 0.82 6.56
CA SER A 17 34.24 0.30 6.32
C SER A 17 33.20 1.22 6.97
N ILE A 18 32.18 1.58 6.21
CA ILE A 18 31.14 2.47 6.71
C ILE A 18 29.75 1.90 6.41
N PRO A 19 29.25 0.98 7.24
CA PRO A 19 27.90 0.45 7.00
C PRO A 19 26.80 1.46 7.32
N ALA A 20 27.06 2.40 8.22
CA ALA A 20 26.03 3.36 8.59
C ALA A 20 25.86 4.49 7.58
N LEU A 21 26.91 4.84 6.83
CA LEU A 21 26.79 5.85 5.79
C LEU A 21 26.26 5.20 4.53
N THR A 22 25.16 5.73 4.02
CA THR A 22 24.55 5.22 2.80
C THR A 22 23.96 6.41 2.06
N ALA A 23 23.16 6.13 1.04
CA ALA A 23 22.43 7.17 0.33
C ALA A 23 21.06 6.59 -0.02
N ALA A 24 20.01 7.12 0.59
CA ALA A 24 18.64 6.70 0.31
C ALA A 24 18.08 7.35 -0.94
N GLU A 25 18.89 8.13 -1.66
CA GLU A 25 18.50 8.82 -2.88
C GLU A 25 18.40 7.88 -4.08
N THR A 26 18.91 6.67 -3.95
CA THR A 26 18.79 5.64 -4.98
C THR A 26 17.55 4.79 -4.80
N GLY A 27 16.67 5.16 -3.87
CA GLY A 27 15.50 4.34 -3.59
C GLY A 27 15.82 3.02 -2.93
N HIS A 28 16.95 2.95 -2.22
CA HIS A 28 17.47 1.70 -1.67
C HIS A 28 17.36 1.73 -0.16
N THR A 29 16.76 0.71 0.40
CA THR A 29 16.63 0.58 1.85
C THR A 29 17.90 -0.09 2.37
N SER A 30 18.55 0.56 3.33
CA SER A 30 19.81 0.07 3.86
C SER A 30 19.61 -1.23 4.61
N GLN A 31 20.55 -2.15 4.44
CA GLN A 31 20.46 -3.48 5.03
C GLN A 31 21.28 -3.58 6.31
N VAL A 32 21.27 -2.51 7.10
CA VAL A 32 22.13 -2.41 8.28
C VAL A 32 21.61 -3.31 9.38
N VAL A 33 22.48 -4.18 9.87
CA VAL A 33 22.20 -5.13 10.94
C VAL A 33 22.73 -4.45 12.20
N PRO A 34 22.14 -4.65 13.39
CA PRO A 34 22.71 -4.06 14.61
C PRO A 34 24.13 -4.49 14.96
N SER A 35 24.65 -5.57 14.36
CA SER A 35 26.03 -5.98 14.58
C SER A 35 27.01 -5.22 13.69
N ASP A 36 26.57 -4.19 12.99
CA ASP A 36 27.44 -3.36 12.16
C ASP A 36 27.82 -2.06 12.83
N THR A 37 27.06 -1.61 13.82
CA THR A 37 27.31 -0.35 14.50
C THR A 37 27.81 -0.54 15.92
N ILE A 38 27.14 -1.37 16.71
CA ILE A 38 27.48 -1.54 18.11
C ILE A 38 27.99 -2.97 18.31
N GLN A 39 28.53 -3.22 19.50
CA GLN A 39 28.98 -4.56 19.85
C GLN A 39 27.78 -5.37 20.34
N THR A 40 27.45 -6.43 19.63
CA THR A 40 26.35 -7.30 20.00
C THR A 40 26.88 -8.69 20.32
N ARG A 41 26.09 -9.45 21.04
CA ARG A 41 26.41 -10.81 21.39
C ARG A 41 25.73 -11.75 20.41
N HIS A 42 25.88 -13.05 20.64
CA HIS A 42 25.30 -14.06 19.77
C HIS A 42 23.94 -14.47 20.33
N VAL A 43 22.88 -14.25 19.57
CA VAL A 43 21.53 -14.55 19.99
C VAL A 43 20.93 -15.54 19.00
N ARG A 44 20.58 -16.73 19.47
CA ARG A 44 19.88 -17.70 18.66
C ARG A 44 18.39 -17.36 18.73
N ASN A 45 17.86 -16.81 17.65
CA ASN A 45 16.53 -16.22 17.64
C ASN A 45 15.55 -17.20 17.02
N PHE A 46 14.46 -17.50 17.73
CA PHE A 46 13.53 -18.55 17.35
C PHE A 46 12.19 -17.99 16.89
N HIS A 47 12.11 -16.71 16.55
CA HIS A 47 10.85 -16.13 16.13
C HIS A 47 10.53 -16.56 14.70
N VAL A 48 9.24 -16.67 14.41
CA VAL A 48 8.76 -17.11 13.11
C VAL A 48 7.79 -16.05 12.59
N ARG A 49 8.03 -15.57 11.37
CA ARG A 49 7.09 -14.66 10.69
C ARG A 49 5.92 -15.49 10.15
N SER A 50 5.08 -15.92 11.07
CA SER A 50 4.01 -16.87 10.76
C SER A 50 2.67 -16.20 10.58
N GLU A 51 2.25 -15.42 11.58
CA GLU A 51 0.94 -14.79 11.58
C GLU A 51 1.00 -13.41 10.96
N SER A 52 1.98 -13.16 10.10
CA SER A 52 2.07 -11.95 9.31
C SER A 52 1.98 -12.19 7.82
N SER A 53 1.78 -13.44 7.38
CA SER A 53 1.70 -13.74 5.97
C SER A 53 0.38 -13.23 5.41
N VAL A 54 0.33 -13.12 4.07
CA VAL A 54 -0.84 -12.58 3.39
C VAL A 54 -2.01 -13.54 3.52
N GLU A 55 -1.74 -14.83 3.66
CA GLU A 55 -2.80 -15.80 3.90
C GLU A 55 -3.40 -15.63 5.29
N ASN A 56 -2.55 -15.53 6.32
CA ASN A 56 -3.06 -15.41 7.68
C ASN A 56 -3.65 -14.04 7.98
N PHE A 57 -3.34 -13.03 7.16
CA PHE A 57 -3.81 -11.68 7.46
C PHE A 57 -5.22 -11.44 6.93
N LEU A 58 -5.55 -11.97 5.76
CA LEU A 58 -6.84 -11.71 5.14
C LEU A 58 -7.86 -12.80 5.43
N SER A 59 -7.44 -14.03 5.71
CA SER A 59 -8.39 -15.13 5.89
C SER A 59 -9.03 -15.05 7.28
N ARG A 60 -9.95 -14.11 7.39
CA ARG A 60 -10.82 -13.93 8.54
C ARG A 60 -12.18 -13.53 8.02
N SER A 61 -13.24 -14.11 8.60
CA SER A 61 -14.59 -13.81 8.13
C SER A 61 -15.00 -12.41 8.58
N ALA A 62 -15.60 -11.66 7.66
CA ALA A 62 -15.91 -10.26 7.91
C ALA A 62 -17.31 -9.95 7.39
N CYS A 63 -18.09 -9.23 8.19
CA CYS A 63 -19.42 -8.79 7.78
C CYS A 63 -19.30 -7.75 6.68
N VAL A 64 -20.01 -7.96 5.57
CA VAL A 64 -19.88 -7.05 4.44
C VAL A 64 -21.15 -6.24 4.22
N TYR A 65 -22.32 -6.76 4.60
CA TYR A 65 -23.58 -6.02 4.45
C TYR A 65 -24.63 -6.66 5.33
N ILE A 66 -25.63 -5.86 5.71
CA ILE A 66 -26.80 -6.31 6.47
C ILE A 66 -28.01 -6.25 5.56
N VAL A 67 -28.77 -7.34 5.49
CA VAL A 67 -29.92 -7.45 4.60
C VAL A 67 -31.16 -7.70 5.43
N GLU A 68 -32.17 -6.84 5.27
CA GLU A 68 -33.38 -6.86 6.09
C GLU A 68 -34.60 -7.08 5.20
N TYR A 69 -35.48 -7.99 5.60
CA TYR A 69 -36.70 -8.29 4.86
C TYR A 69 -37.71 -8.90 5.81
N LYS A 70 -38.99 -8.73 5.48
CA LYS A 70 -40.10 -9.09 6.36
C LYS A 70 -40.86 -10.29 5.81
N THR A 71 -41.93 -10.69 6.50
CA THR A 71 -42.70 -11.85 6.09
C THR A 71 -44.15 -11.55 5.75
N ARG A 72 -44.68 -10.39 6.13
CA ARG A 72 -45.96 -9.93 5.60
C ARG A 72 -45.99 -8.41 5.64
N ASP A 73 -46.42 -7.81 4.54
CA ASP A 73 -46.48 -6.36 4.40
C ASP A 73 -47.60 -5.98 3.46
N ASP A 74 -47.91 -4.69 3.43
CA ASP A 74 -48.79 -4.14 2.42
C ASP A 74 -48.08 -4.03 1.07
N THR A 75 -46.82 -3.59 1.09
CA THR A 75 -46.08 -3.43 -0.15
C THR A 75 -45.19 -4.62 -0.41
N PRO A 76 -45.20 -5.16 -1.64
CA PRO A 76 -44.47 -6.42 -1.90
C PRO A 76 -42.97 -6.28 -1.98
N ASP A 77 -42.45 -5.06 -2.11
CA ASP A 77 -41.00 -4.88 -2.22
C ASP A 77 -40.29 -4.97 -0.88
N LYS A 78 -41.02 -4.88 0.23
CA LYS A 78 -40.44 -5.03 1.55
C LYS A 78 -40.52 -6.46 2.07
N MET A 79 -40.97 -7.40 1.26
CA MET A 79 -41.00 -8.81 1.63
C MET A 79 -39.83 -9.59 1.08
N TYR A 80 -38.98 -8.96 0.29
CA TYR A 80 -37.75 -9.57 -0.18
C TYR A 80 -36.72 -8.47 -0.28
N ASP A 81 -35.45 -8.85 -0.27
CA ASP A 81 -34.41 -7.84 -0.34
C ASP A 81 -33.28 -8.36 -1.21
N SER A 82 -32.53 -7.44 -1.80
CA SER A 82 -31.47 -7.76 -2.74
C SER A 82 -30.26 -6.90 -2.45
N TRP A 83 -29.13 -7.33 -2.98
CA TRP A 83 -27.87 -6.65 -2.72
C TRP A 83 -26.92 -6.87 -3.88
N VAL A 84 -26.52 -5.78 -4.54
CA VAL A 84 -25.48 -5.84 -5.57
C VAL A 84 -24.16 -6.10 -4.87
N ILE A 85 -23.44 -7.12 -5.32
CA ILE A 85 -22.37 -7.72 -4.55
C ILE A 85 -21.08 -6.90 -4.68
N ASN A 86 -20.62 -6.36 -3.56
CA ASN A 86 -19.34 -5.66 -3.49
C ASN A 86 -18.77 -5.78 -2.09
N THR A 87 -17.47 -5.55 -1.95
CA THR A 87 -16.82 -5.66 -0.66
C THR A 87 -16.48 -4.29 -0.09
N ARG A 88 -17.20 -3.26 -0.53
CA ARG A 88 -16.77 -1.88 -0.35
C ARG A 88 -17.81 -1.03 0.35
N GLN A 89 -18.61 -1.64 1.22
CA GLN A 89 -19.57 -0.93 2.03
C GLN A 89 -19.32 -1.03 3.52
N VAL A 90 -18.37 -1.86 3.94
CA VAL A 90 -17.86 -1.89 5.30
C VAL A 90 -16.38 -1.55 5.24
N ALA A 91 -15.94 -0.60 6.06
CA ALA A 91 -14.61 -0.03 5.92
C ALA A 91 -13.50 -0.94 6.41
N GLN A 92 -13.81 -1.95 7.24
CA GLN A 92 -12.75 -2.80 7.77
C GLN A 92 -12.23 -3.78 6.72
N LEU A 93 -13.14 -4.50 6.07
CA LEU A 93 -12.72 -5.46 5.05
C LEU A 93 -12.23 -4.75 3.81
N ARG A 94 -12.77 -3.56 3.53
CA ARG A 94 -12.31 -2.75 2.42
C ARG A 94 -10.90 -2.23 2.67
N ARG A 95 -10.63 -1.74 3.87
CA ARG A 95 -9.31 -1.21 4.15
C ARG A 95 -8.28 -2.32 4.29
N LYS A 96 -8.70 -3.52 4.69
CA LYS A 96 -7.78 -4.65 4.65
C LYS A 96 -7.50 -5.10 3.22
N LEU A 97 -8.49 -5.00 2.32
CA LEU A 97 -8.22 -5.40 0.94
C LEU A 97 -7.45 -4.35 0.16
N GLU A 98 -7.53 -3.08 0.55
CA GLU A 98 -6.87 -2.02 -0.20
C GLU A 98 -5.40 -1.83 0.19
N PHE A 99 -4.77 -2.82 0.82
CA PHE A 99 -3.30 -2.82 0.87
C PHE A 99 -2.68 -3.14 -0.47
N PHE A 100 -3.39 -3.85 -1.34
CA PHE A 100 -2.82 -4.30 -2.59
C PHE A 100 -3.67 -3.77 -3.73
N THR A 101 -3.10 -3.79 -4.93
CA THR A 101 -3.82 -3.32 -6.10
C THR A 101 -4.54 -4.45 -6.83
N TYR A 102 -3.93 -5.63 -6.90
CA TYR A 102 -4.54 -6.77 -7.54
C TYR A 102 -4.49 -7.96 -6.58
N VAL A 103 -5.58 -8.72 -6.51
CA VAL A 103 -5.69 -9.88 -5.63
C VAL A 103 -6.34 -11.04 -6.37
N ARG A 104 -6.07 -12.24 -5.88
CA ARG A 104 -6.59 -13.48 -6.47
C ARG A 104 -6.91 -14.43 -5.33
N PHE A 105 -8.19 -14.70 -5.08
CA PHE A 105 -8.54 -15.52 -3.93
C PHE A 105 -9.87 -16.23 -4.17
N ASP A 106 -9.99 -17.41 -3.56
CA ASP A 106 -11.27 -18.09 -3.44
C ASP A 106 -12.02 -17.52 -2.24
N VAL A 107 -13.35 -17.57 -2.31
CA VAL A 107 -14.21 -16.92 -1.32
C VAL A 107 -14.98 -18.02 -0.59
N GLU A 108 -15.21 -17.82 0.70
CA GLU A 108 -15.99 -18.71 1.54
C GLU A 108 -17.08 -17.88 2.22
N VAL A 109 -18.34 -18.15 1.89
CA VAL A 109 -19.46 -17.28 2.22
C VAL A 109 -20.32 -17.94 3.29
N THR A 110 -20.59 -17.22 4.38
CA THR A 110 -21.39 -17.73 5.49
C THR A 110 -22.46 -16.71 5.85
N PHE A 111 -23.71 -17.17 5.95
CA PHE A 111 -24.86 -16.31 6.24
C PHE A 111 -25.33 -16.55 7.65
N VAL A 112 -25.62 -15.47 8.40
CA VAL A 112 -26.14 -15.57 9.75
C VAL A 112 -27.51 -14.90 9.78
N ILE A 113 -28.55 -15.70 10.01
CA ILE A 113 -29.93 -15.27 9.84
C ILE A 113 -30.60 -15.26 11.20
N THR A 114 -31.19 -14.11 11.57
CA THR A 114 -31.87 -13.96 12.85
C THR A 114 -33.24 -13.35 12.61
N SER A 115 -34.22 -13.77 13.42
CA SER A 115 -35.60 -13.36 13.24
C SER A 115 -36.13 -12.69 14.49
N VAL A 116 -36.85 -11.59 14.31
CA VAL A 116 -37.41 -10.80 15.41
C VAL A 116 -38.89 -10.58 15.13
N GLN A 117 -39.73 -10.92 16.10
CA GLN A 117 -41.17 -10.71 15.97
C GLN A 117 -41.48 -9.22 16.10
N ASP A 118 -42.11 -8.64 15.08
CA ASP A 118 -42.44 -7.22 15.09
C ASP A 118 -43.58 -6.94 16.06
N ASP A 119 -43.71 -5.66 16.42
CA ASP A 119 -44.73 -5.22 17.35
C ASP A 119 -46.07 -5.14 16.64
N SER A 120 -47.08 -5.80 17.21
CA SER A 120 -48.43 -5.80 16.66
C SER A 120 -49.39 -6.09 17.81
N THR A 121 -50.67 -6.21 17.47
CA THR A 121 -51.72 -6.48 18.46
C THR A 121 -51.85 -7.97 18.75
N ARG A 122 -51.45 -8.82 17.81
CA ARG A 122 -51.71 -10.25 17.89
C ARG A 122 -50.42 -11.03 18.01
N GLN A 123 -49.56 -10.62 18.95
CA GLN A 123 -48.27 -11.26 19.13
C GLN A 123 -48.35 -12.68 19.67
N ASN A 124 -49.51 -13.09 20.20
CA ASN A 124 -49.67 -14.40 20.83
C ASN A 124 -50.03 -15.45 19.78
N THR A 125 -49.03 -15.83 18.98
CA THR A 125 -49.23 -16.84 17.96
C THR A 125 -48.38 -18.06 18.28
N ASP A 126 -48.42 -19.03 17.36
CA ASP A 126 -47.62 -20.25 17.46
C ASP A 126 -47.05 -20.50 16.07
N THR A 127 -45.92 -19.90 15.81
CA THR A 127 -45.40 -19.90 14.45
C THR A 127 -44.43 -21.07 14.27
N PRO A 128 -44.61 -21.87 13.23
CA PRO A 128 -43.62 -22.91 12.91
C PRO A 128 -42.32 -22.30 12.42
N ALA A 129 -41.33 -23.16 12.22
CA ALA A 129 -39.98 -22.72 11.93
C ALA A 129 -39.88 -22.09 10.54
N LEU A 130 -39.33 -20.89 10.48
CA LEU A 130 -39.17 -20.20 9.21
C LEU A 130 -38.06 -20.83 8.39
N THR A 131 -38.25 -20.84 7.07
CA THR A 131 -37.25 -21.32 6.13
C THR A 131 -36.95 -20.20 5.15
N HIS A 132 -35.67 -19.86 5.00
CA HIS A 132 -35.24 -18.76 4.18
C HIS A 132 -34.57 -19.30 2.92
N GLN A 133 -34.62 -18.51 1.85
CA GLN A 133 -34.01 -18.89 0.59
C GLN A 133 -33.09 -17.77 0.13
N ILE A 134 -31.87 -18.14 -0.23
CA ILE A 134 -30.84 -17.19 -0.65
C ILE A 134 -30.42 -17.58 -2.05
N MET A 135 -30.89 -16.85 -3.04
CA MET A 135 -30.64 -17.18 -4.44
C MET A 135 -29.63 -16.20 -5.04
N TYR A 136 -28.59 -16.73 -5.65
CA TYR A 136 -27.56 -15.96 -6.31
C TYR A 136 -27.82 -15.90 -7.80
N VAL A 137 -27.83 -14.70 -8.36
CA VAL A 137 -28.08 -14.50 -9.77
C VAL A 137 -26.77 -14.09 -10.42
N PRO A 138 -26.19 -14.90 -11.31
CA PRO A 138 -25.01 -14.50 -12.07
C PRO A 138 -25.36 -13.35 -12.99
N PRO A 139 -24.38 -12.53 -13.40
CA PRO A 139 -24.70 -11.25 -14.08
C PRO A 139 -25.35 -11.46 -15.44
N GLY A 140 -26.61 -11.04 -15.53
CA GLY A 140 -27.40 -11.18 -16.73
C GLY A 140 -28.66 -11.99 -16.56
N GLY A 141 -28.86 -12.66 -15.43
CA GLY A 141 -30.00 -13.53 -15.24
C GLY A 141 -31.30 -12.78 -15.03
N PRO A 142 -32.41 -13.51 -14.97
CA PRO A 142 -33.70 -12.87 -14.70
C PRO A 142 -33.84 -12.50 -13.23
N ILE A 143 -34.56 -11.41 -13.01
CA ILE A 143 -34.68 -10.77 -11.70
C ILE A 143 -36.08 -11.05 -11.16
N PRO A 144 -36.22 -11.60 -9.97
CA PRO A 144 -37.55 -11.73 -9.36
C PRO A 144 -38.06 -10.38 -8.90
N GLN A 145 -39.38 -10.18 -9.07
CA GLN A 145 -40.02 -8.92 -8.75
C GLN A 145 -41.12 -9.07 -7.71
N ALA A 146 -41.24 -10.23 -7.09
CA ALA A 146 -42.17 -10.48 -5.99
C ALA A 146 -41.68 -11.71 -5.24
N VAL A 147 -42.30 -11.96 -4.08
CA VAL A 147 -41.97 -13.20 -3.37
C VAL A 147 -42.63 -14.39 -4.04
N ASP A 148 -43.72 -14.18 -4.77
CA ASP A 148 -44.42 -15.24 -5.46
C ASP A 148 -44.09 -15.30 -6.94
N ASP A 149 -43.01 -14.65 -7.36
CA ASP A 149 -42.62 -14.66 -8.76
C ASP A 149 -42.05 -16.03 -9.13
N TYR A 150 -42.21 -16.40 -10.39
CA TYR A 150 -41.77 -17.73 -10.84
C TYR A 150 -40.30 -17.77 -11.22
N ASN A 151 -39.52 -16.72 -10.94
CA ASN A 151 -38.08 -16.76 -11.14
C ASN A 151 -37.34 -17.36 -9.95
N TRP A 152 -38.04 -17.70 -8.88
CA TRP A 152 -37.43 -18.26 -7.68
C TRP A 152 -37.23 -19.77 -7.75
N GLN A 153 -37.35 -20.36 -8.93
CA GLN A 153 -37.38 -21.82 -9.05
C GLN A 153 -36.00 -22.44 -8.94
N THR A 154 -34.94 -21.66 -9.24
CA THR A 154 -33.53 -22.06 -9.16
C THR A 154 -33.25 -23.30 -10.01
N SER A 155 -33.67 -23.25 -11.27
CA SER A 155 -33.38 -24.35 -12.18
C SER A 155 -31.92 -24.36 -12.60
N THR A 156 -31.28 -23.20 -12.62
CA THR A 156 -29.88 -23.13 -13.04
C THR A 156 -29.08 -22.31 -12.03
N ASN A 157 -29.73 -21.33 -11.40
CA ASN A 157 -29.04 -20.48 -10.45
C ASN A 157 -28.74 -21.23 -9.16
N PRO A 158 -27.60 -20.95 -8.53
CA PRO A 158 -27.32 -21.54 -7.22
C PRO A 158 -28.22 -20.97 -6.15
N SER A 159 -28.53 -21.79 -5.16
CA SER A 159 -29.40 -21.38 -4.08
C SER A 159 -29.05 -22.16 -2.82
N VAL A 160 -29.59 -21.70 -1.69
CA VAL A 160 -29.40 -22.40 -0.43
C VAL A 160 -30.65 -22.19 0.43
N PHE A 161 -31.06 -23.24 1.14
CA PHE A 161 -32.22 -23.23 2.02
C PHE A 161 -31.75 -23.51 3.44
N TRP A 162 -32.26 -22.73 4.39
CA TRP A 162 -31.89 -22.89 5.79
C TRP A 162 -33.14 -22.90 6.65
N THR A 163 -33.30 -23.94 7.46
CA THR A 163 -34.37 -24.03 8.43
C THR A 163 -33.86 -23.44 9.74
N GLU A 164 -34.75 -22.78 10.47
CA GLU A 164 -34.38 -22.03 11.66
C GLU A 164 -33.87 -22.94 12.77
N GLY A 165 -32.71 -22.60 13.33
CA GLY A 165 -32.14 -23.31 14.45
C GLY A 165 -30.92 -24.14 14.14
N ASN A 166 -30.56 -24.29 12.88
CA ASN A 166 -29.42 -25.11 12.49
C ASN A 166 -28.13 -24.29 12.56
N ALA A 167 -27.06 -24.85 12.03
CA ALA A 167 -25.82 -24.12 11.85
C ALA A 167 -25.98 -23.14 10.68
N PRO A 168 -25.15 -22.09 10.63
CA PRO A 168 -25.24 -21.15 9.51
C PRO A 168 -24.87 -21.81 8.20
N PRO A 169 -25.48 -21.40 7.10
CA PRO A 169 -25.17 -22.01 5.80
C PRO A 169 -23.83 -21.52 5.27
N ARG A 170 -23.07 -22.43 4.67
CA ARG A 170 -21.73 -22.10 4.20
C ARG A 170 -21.47 -22.77 2.86
N MET A 171 -20.97 -22.00 1.91
CA MET A 171 -20.51 -22.54 0.63
C MET A 171 -19.25 -21.81 0.19
N SER A 172 -18.47 -22.47 -0.66
CA SER A 172 -17.25 -21.94 -1.20
C SER A 172 -17.47 -21.48 -2.63
N ILE A 173 -16.70 -20.49 -3.06
CA ILE A 173 -16.82 -19.90 -4.38
C ILE A 173 -15.43 -19.74 -5.00
N PRO A 174 -15.21 -20.22 -6.21
CA PRO A 174 -13.90 -20.13 -6.85
C PRO A 174 -13.61 -18.72 -7.35
N PHE A 175 -12.48 -18.58 -8.03
CA PHE A 175 -12.04 -17.30 -8.57
C PHE A 175 -12.85 -16.96 -9.80
N MET A 176 -13.62 -15.87 -9.75
CA MET A 176 -14.64 -15.60 -10.75
C MET A 176 -14.30 -14.45 -11.68
N SER A 177 -13.07 -13.96 -11.69
CA SER A 177 -12.78 -12.79 -12.51
C SER A 177 -12.57 -13.18 -13.95
N VAL A 178 -12.93 -12.26 -14.85
CA VAL A 178 -12.67 -12.46 -16.27
C VAL A 178 -11.23 -12.08 -16.64
N GLY A 179 -10.56 -11.31 -15.78
CA GLY A 179 -9.13 -11.09 -15.89
C GLY A 179 -8.37 -11.99 -14.94
N ASN A 180 -7.10 -11.67 -14.75
CA ASN A 180 -6.22 -12.55 -14.00
C ASN A 180 -6.13 -12.23 -12.51
N ALA A 181 -6.80 -11.17 -12.05
CA ALA A 181 -6.81 -10.78 -10.65
C ALA A 181 -7.94 -9.78 -10.42
N TYR A 182 -8.52 -9.83 -9.22
CA TYR A 182 -9.53 -8.84 -8.84
C TYR A 182 -8.86 -7.48 -8.72
N SER A 183 -9.19 -6.57 -9.62
CA SER A 183 -8.56 -5.26 -9.62
C SER A 183 -9.21 -4.45 -8.50
N ASN A 184 -8.44 -4.19 -7.45
CA ASN A 184 -8.95 -3.38 -6.34
C ASN A 184 -9.11 -1.93 -6.74
N PHE A 185 -8.22 -1.43 -7.58
CA PHE A 185 -8.32 -0.09 -8.13
C PHE A 185 -8.22 -0.14 -9.64
N TYR A 186 -9.04 0.63 -10.33
CA TYR A 186 -9.00 0.76 -11.77
C TYR A 186 -8.93 2.24 -12.12
N ASP A 187 -7.77 2.69 -12.59
CA ASP A 187 -7.56 4.07 -13.02
C ASP A 187 -7.92 4.16 -14.50
N GLY A 188 -9.17 4.49 -14.79
CA GLY A 188 -9.60 4.56 -16.16
C GLY A 188 -11.09 4.79 -16.26
N TRP A 189 -11.54 4.89 -17.51
CA TRP A 189 -12.91 5.20 -17.86
C TRP A 189 -13.63 3.93 -18.30
N SER A 190 -14.90 4.09 -18.68
CA SER A 190 -15.67 2.99 -19.24
C SER A 190 -15.79 3.04 -20.75
N HIS A 191 -15.87 4.24 -21.31
CA HIS A 191 -16.00 4.42 -22.75
C HIS A 191 -14.66 4.78 -23.35
N PHE A 192 -14.48 4.49 -24.64
CA PHE A 192 -13.18 4.68 -25.27
C PHE A 192 -12.89 6.14 -25.55
N SER A 193 -13.89 7.00 -25.51
CA SER A 193 -13.70 8.44 -25.66
C SER A 193 -13.38 9.11 -24.33
N GLN A 194 -13.06 8.32 -23.29
CA GLN A 194 -12.74 8.78 -21.94
C GLN A 194 -13.87 9.61 -21.34
N THR A 195 -15.09 9.09 -21.47
CA THR A 195 -16.23 9.58 -20.72
C THR A 195 -16.92 8.43 -20.00
N GLY A 196 -18.05 8.69 -19.37
CA GLY A 196 -18.74 7.68 -18.60
C GLY A 196 -18.39 7.80 -17.12
N VAL A 197 -18.12 6.66 -16.49
CA VAL A 197 -17.80 6.64 -15.07
C VAL A 197 -16.31 6.43 -14.90
N TYR A 198 -15.77 6.99 -13.82
CA TYR A 198 -14.36 6.87 -13.50
C TYR A 198 -14.20 6.07 -12.22
N GLY A 199 -13.47 4.98 -12.30
CA GLY A 199 -13.12 4.22 -11.12
C GLY A 199 -13.30 2.75 -11.36
N PHE A 200 -13.33 2.00 -10.24
CA PHE A 200 -13.47 0.55 -10.26
C PHE A 200 -14.90 0.08 -10.44
N ASN A 201 -15.85 0.99 -10.70
CA ASN A 201 -17.23 0.58 -10.82
C ASN A 201 -17.51 -0.14 -12.14
N THR A 202 -16.58 -0.03 -13.11
CA THR A 202 -16.75 -0.74 -14.37
C THR A 202 -16.46 -2.22 -14.22
N LEU A 203 -15.50 -2.58 -13.38
CA LEU A 203 -15.02 -3.94 -13.28
C LEU A 203 -15.63 -4.72 -12.12
N ASN A 204 -16.67 -4.19 -11.47
CA ASN A 204 -17.30 -4.92 -10.37
C ASN A 204 -17.96 -6.19 -10.88
N ASN A 205 -19.13 -6.02 -11.51
CA ASN A 205 -19.89 -6.99 -12.31
C ASN A 205 -19.86 -8.43 -11.77
N MET A 206 -20.28 -8.60 -10.52
CA MET A 206 -20.20 -9.90 -9.85
C MET A 206 -21.54 -10.59 -9.64
N GLY A 207 -22.64 -9.99 -10.02
CA GLY A 207 -23.92 -10.59 -9.72
C GLY A 207 -24.55 -9.98 -8.49
N LYS A 208 -25.67 -10.55 -8.07
CA LYS A 208 -26.42 -10.00 -6.96
C LYS A 208 -27.26 -11.08 -6.31
N LEU A 209 -27.44 -10.97 -4.99
CA LEU A 209 -28.13 -11.95 -4.18
C LEU A 209 -29.60 -11.57 -3.97
N TYR A 210 -30.41 -12.57 -3.64
CA TYR A 210 -31.83 -12.36 -3.38
C TYR A 210 -32.26 -13.20 -2.19
N PHE A 211 -33.10 -12.62 -1.35
CA PHE A 211 -33.47 -13.16 -0.06
C PHE A 211 -34.99 -13.13 0.07
N ARG A 212 -35.60 -14.23 0.50
CA ARG A 212 -37.04 -14.23 0.80
C ARG A 212 -37.34 -15.32 1.82
N HIS A 213 -38.57 -15.31 2.33
CA HIS A 213 -39.08 -16.37 3.18
C HIS A 213 -39.83 -17.35 2.31
N VAL A 214 -39.48 -18.64 2.43
CA VAL A 214 -40.14 -19.67 1.62
C VAL A 214 -41.59 -19.83 2.04
N ASN A 215 -41.89 -19.58 3.32
CA ASN A 215 -43.25 -19.63 3.82
C ASN A 215 -44.12 -18.53 3.22
N ASP A 216 -45.43 -18.72 3.30
CA ASP A 216 -46.38 -17.79 2.72
C ASP A 216 -46.70 -16.68 3.71
N LYS A 217 -47.77 -15.92 3.45
CA LYS A 217 -48.19 -14.81 4.31
C LYS A 217 -48.59 -15.30 5.69
N THR A 218 -47.83 -14.91 6.70
CA THR A 218 -48.14 -15.30 8.07
C THR A 218 -49.10 -14.28 8.69
N ILE A 219 -49.60 -14.61 9.88
CA ILE A 219 -50.62 -13.77 10.52
C ILE A 219 -49.97 -12.81 11.50
N SER A 220 -48.64 -12.68 11.45
CA SER A 220 -47.94 -11.72 12.27
C SER A 220 -46.65 -11.33 11.56
N PRO A 221 -46.27 -10.05 11.56
CA PRO A 221 -45.04 -9.66 10.87
C PRO A 221 -43.80 -10.02 11.67
N ILE A 222 -42.80 -10.53 10.96
CA ILE A 222 -41.51 -10.94 11.53
C ILE A 222 -40.42 -10.36 10.64
N THR A 223 -39.47 -9.66 11.24
CA THR A 223 -38.39 -9.01 10.50
C THR A 223 -37.16 -9.89 10.53
N SER A 224 -36.75 -10.38 9.36
CA SER A 224 -35.53 -11.16 9.24
C SER A 224 -34.38 -10.25 8.85
N LYS A 225 -33.21 -10.50 9.43
CA LYS A 225 -32.00 -9.75 9.14
C LYS A 225 -30.84 -10.71 8.98
N VAL A 226 -30.36 -10.87 7.75
CA VAL A 226 -29.31 -11.82 7.42
C VAL A 226 -28.02 -11.04 7.14
N ARG A 227 -26.91 -11.53 7.69
CA ARG A 227 -25.61 -10.88 7.59
C ARG A 227 -24.68 -11.75 6.76
N ILE A 228 -23.99 -11.15 5.81
CA ILE A 228 -23.13 -11.88 4.90
C ILE A 228 -21.70 -11.79 5.39
N TYR A 229 -21.03 -12.94 5.53
CA TYR A 229 -19.65 -13.01 5.97
C TYR A 229 -18.79 -13.58 4.84
N PHE A 230 -17.86 -12.76 4.34
CA PHE A 230 -16.89 -13.21 3.36
C PHE A 230 -15.60 -13.64 4.04
N LYS A 231 -15.01 -14.71 3.52
CA LYS A 231 -13.70 -15.18 3.98
C LYS A 231 -12.80 -15.43 2.79
N PRO A 232 -11.86 -14.52 2.50
CA PRO A 232 -10.94 -14.73 1.37
C PRO A 232 -9.89 -15.78 1.71
N LYS A 233 -9.87 -16.87 0.94
CA LYS A 233 -8.87 -17.92 1.10
C LYS A 233 -8.18 -18.18 -0.23
N HIS A 234 -7.07 -18.93 -0.14
CA HIS A 234 -6.20 -19.27 -1.29
C HIS A 234 -5.71 -18.01 -1.98
N VAL A 235 -5.03 -17.17 -1.19
CA VAL A 235 -4.84 -15.77 -1.50
C VAL A 235 -3.51 -15.57 -2.21
N LYS A 236 -3.54 -14.78 -3.28
CA LYS A 236 -2.34 -14.20 -3.87
C LYS A 236 -2.57 -12.70 -4.01
N ALA A 237 -1.50 -11.93 -3.82
CA ALA A 237 -1.63 -10.48 -3.79
C ALA A 237 -0.41 -9.84 -4.42
N TRP A 238 -0.62 -8.73 -5.15
CA TRP A 238 0.41 -8.09 -5.95
C TRP A 238 0.40 -6.58 -5.72
N VAL A 239 1.57 -5.97 -5.99
CA VAL A 239 1.88 -4.52 -6.04
C VAL A 239 1.24 -3.72 -4.90
N PRO A 240 1.86 -3.73 -3.73
CA PRO A 240 1.29 -3.04 -2.56
C PRO A 240 1.31 -1.53 -2.72
N ARG A 241 0.64 -0.87 -1.78
CA ARG A 241 0.35 0.55 -1.84
C ARG A 241 0.00 1.01 -0.43
N PRO A 242 0.14 2.33 -0.12
CA PRO A 242 -0.02 2.75 1.27
C PRO A 242 -1.46 2.69 1.72
N PRO A 243 -1.71 2.48 3.01
CA PRO A 243 -3.08 2.42 3.51
C PRO A 243 -3.75 3.79 3.47
N ARG A 244 -5.07 3.77 3.59
CA ARG A 244 -5.83 5.01 3.48
C ARG A 244 -5.79 5.77 4.80
N LEU A 245 -5.50 7.07 4.71
CA LEU A 245 -5.58 7.94 5.87
C LEU A 245 -7.01 8.39 6.13
N CYS A 246 -7.71 8.84 5.10
CA CYS A 246 -8.95 9.56 5.24
C CYS A 246 -10.13 8.61 5.38
N GLU A 247 -11.22 9.12 5.94
CA GLU A 247 -12.43 8.32 6.05
C GLU A 247 -13.12 8.25 4.70
N TYR A 248 -13.70 7.10 4.41
CA TYR A 248 -14.40 6.90 3.15
C TYR A 248 -15.71 7.67 3.13
N THR A 249 -16.26 7.84 1.94
CA THR A 249 -17.59 8.44 1.78
C THR A 249 -18.57 7.53 1.08
N HIS A 250 -18.22 6.98 -0.08
CA HIS A 250 -19.16 6.21 -0.89
C HIS A 250 -18.53 4.88 -1.29
N LYS A 251 -19.33 4.05 -1.94
CA LYS A 251 -18.87 2.74 -2.38
C LYS A 251 -18.30 2.74 -3.79
N ASP A 252 -18.75 3.68 -4.64
CA ASP A 252 -18.47 3.59 -6.06
C ASP A 252 -17.29 4.45 -6.49
N ASN A 253 -16.96 5.48 -5.74
CA ASN A 253 -15.76 6.26 -6.01
C ASN A 253 -14.79 6.15 -4.84
N VAL A 254 -13.71 6.91 -4.91
CA VAL A 254 -12.65 6.87 -3.92
C VAL A 254 -12.53 8.21 -3.18
N ASP A 255 -13.51 9.08 -3.36
CA ASP A 255 -13.40 10.50 -3.03
C ASP A 255 -13.40 10.71 -1.52
N PHE A 256 -12.92 11.89 -1.11
CA PHE A 256 -12.66 12.16 0.30
C PHE A 256 -12.64 13.65 0.53
N GLU A 257 -12.52 14.02 1.80
CA GLU A 257 -12.11 15.29 2.35
C GLU A 257 -10.69 15.17 2.89
N PRO A 258 -9.88 16.21 2.78
CA PRO A 258 -8.50 16.12 3.26
C PRO A 258 -8.43 16.06 4.78
N LYS A 259 -7.61 15.13 5.26
CA LYS A 259 -7.40 14.91 6.68
C LYS A 259 -5.94 15.20 6.98
N GLY A 260 -5.67 15.64 8.21
CA GLY A 260 -4.30 15.84 8.64
C GLY A 260 -3.51 14.54 8.63
N VAL A 261 -2.19 14.68 8.53
CA VAL A 261 -1.35 13.52 8.29
C VAL A 261 -1.22 12.67 9.56
N THR A 262 -1.18 13.31 10.73
CA THR A 262 -1.06 12.59 12.01
C THR A 262 -1.56 13.49 13.12
N THR A 263 -1.44 13.01 14.36
CA THR A 263 -1.90 13.75 15.52
C THR A 263 -0.78 14.67 16.03
N SER A 264 -1.16 15.88 16.44
CA SER A 264 -0.19 16.91 16.78
C SER A 264 0.44 16.66 18.14
N ARG A 265 1.65 17.21 18.32
CA ARG A 265 2.40 17.10 19.57
C ARG A 265 2.41 18.37 20.40
N THR A 266 2.31 19.53 19.77
CA THR A 266 2.38 20.91 20.30
C THR A 266 3.76 21.31 20.82
N GLN A 267 4.73 20.39 20.82
CA GLN A 267 6.14 20.70 20.94
C GLN A 267 6.92 19.80 20.00
N LEU A 268 8.22 20.07 19.88
CA LEU A 268 9.05 19.34 18.94
C LEU A 268 10.20 18.59 19.60
N THR A 269 10.56 18.95 20.82
CA THR A 269 11.62 18.28 21.57
C THR A 269 11.00 17.68 22.83
N ILE A 270 11.35 16.43 23.11
CA ILE A 270 10.90 15.80 24.36
C ILE A 270 11.67 16.38 25.53
N SER A 271 11.15 16.14 26.72
CA SER A 271 11.85 16.48 27.95
C SER A 271 11.34 15.53 29.03
N ASN A 272 11.87 15.69 30.23
CA ASN A 272 11.41 14.91 31.37
C ASN A 272 10.18 15.55 32.03
N SER A 273 9.64 16.60 31.42
CA SER A 273 8.49 17.36 31.89
C SER A 273 7.19 16.63 31.56
N THR A 274 6.08 17.37 31.59
CA THR A 274 4.75 16.80 31.39
C THR A 274 4.60 16.39 29.92
N HIS A 275 5.17 15.23 29.61
CA HIS A 275 5.14 14.68 28.26
C HIS A 275 4.54 13.28 28.28
N SER B 1 34.18 6.63 -11.46
CA SER B 1 33.11 6.36 -10.51
C SER B 1 31.86 5.83 -11.22
N ASP B 2 30.88 5.40 -10.43
CA ASP B 2 29.61 4.90 -10.97
C ASP B 2 28.56 5.99 -11.09
N ARG B 3 28.95 7.26 -10.98
CA ARG B 3 28.00 8.35 -11.07
C ARG B 3 27.70 8.76 -12.51
N VAL B 4 28.52 8.32 -13.45
CA VAL B 4 28.30 8.60 -14.87
C VAL B 4 27.51 7.44 -15.47
N ARG B 5 26.40 7.75 -16.13
CA ARG B 5 25.54 6.74 -16.71
C ARG B 5 25.16 7.18 -18.12
N SER B 6 25.10 6.22 -19.04
CA SER B 6 24.74 6.49 -20.43
C SER B 6 23.67 5.51 -20.89
N ILE B 7 22.64 6.02 -21.55
CA ILE B 7 21.49 5.23 -21.97
C ILE B 7 21.21 5.50 -23.44
N THR B 8 21.17 4.44 -24.25
CA THR B 8 20.87 4.55 -25.68
C THR B 8 19.65 3.70 -26.01
N LEU B 9 18.57 4.34 -26.43
CA LEU B 9 17.36 3.65 -26.86
C LEU B 9 16.93 4.23 -28.20
N GLY B 10 17.36 3.59 -29.28
CA GLY B 10 16.98 4.04 -30.61
C GLY B 10 18.00 5.02 -31.15
N ASN B 11 17.52 6.19 -31.56
CA ASN B 11 18.39 7.26 -32.03
C ASN B 11 18.44 8.42 -31.04
N SER B 12 18.40 8.12 -29.75
CA SER B 12 18.43 9.13 -28.69
C SER B 12 19.28 8.63 -27.54
N THR B 13 20.13 9.50 -27.02
CA THR B 13 21.12 9.14 -26.01
C THR B 13 21.08 10.16 -24.89
N ILE B 14 21.12 9.68 -23.64
CA ILE B 14 21.20 10.52 -22.47
C ILE B 14 22.50 10.22 -21.74
N THR B 15 23.34 11.22 -21.59
CA THR B 15 24.55 11.12 -20.79
C THR B 15 24.42 12.04 -19.58
N THR B 16 24.48 11.46 -18.39
CA THR B 16 24.43 12.20 -17.14
C THR B 16 25.75 12.05 -16.42
N GLN B 17 26.07 12.99 -15.55
CA GLN B 17 27.32 12.96 -14.84
C GLN B 17 27.19 12.93 -13.31
N GLU B 18 26.01 13.19 -12.77
CA GLU B 18 25.79 13.12 -11.33
C GLU B 18 24.59 12.25 -11.02
N SER B 19 24.47 11.13 -11.72
CA SER B 19 23.39 10.19 -11.44
C SER B 19 23.67 9.44 -10.15
N ALA B 20 22.68 8.68 -9.71
CA ALA B 20 22.84 7.91 -8.47
C ALA B 20 22.88 6.41 -8.73
N ASN B 21 21.82 5.87 -9.30
CA ASN B 21 21.67 4.46 -9.64
C ASN B 21 20.46 4.39 -10.56
N VAL B 22 19.98 3.19 -10.84
CA VAL B 22 18.76 2.99 -11.61
C VAL B 22 17.88 2.01 -10.86
N VAL B 23 16.68 2.45 -10.51
CA VAL B 23 15.68 1.56 -9.94
C VAL B 23 15.00 0.83 -11.07
N VAL B 24 15.00 -0.51 -11.01
CA VAL B 24 14.32 -1.28 -12.05
C VAL B 24 13.10 -1.93 -11.43
N GLY B 25 11.98 -1.21 -11.44
CA GLY B 25 10.65 -1.74 -11.17
C GLY B 25 10.52 -2.46 -9.84
N TYR B 26 10.01 -3.68 -9.93
CA TYR B 26 10.02 -4.63 -8.82
C TYR B 26 11.00 -5.76 -9.11
N GLY B 27 12.16 -5.38 -9.68
CA GLY B 27 13.17 -6.33 -10.08
C GLY B 27 13.05 -6.83 -11.49
N VAL B 28 11.90 -6.66 -12.13
CA VAL B 28 11.65 -7.18 -13.47
C VAL B 28 11.96 -6.08 -14.48
N TRP B 29 12.75 -6.42 -15.49
CA TRP B 29 13.14 -5.70 -16.69
C TRP B 29 12.09 -5.94 -17.78
N PRO B 30 11.75 -4.92 -18.58
CA PRO B 30 10.65 -5.08 -19.55
C PRO B 30 11.02 -6.04 -20.67
N ASP B 31 10.11 -6.97 -20.94
CA ASP B 31 10.30 -7.98 -21.98
C ASP B 31 8.98 -8.16 -22.73
N TYR B 32 9.04 -8.87 -23.85
CA TYR B 32 7.86 -9.08 -24.67
C TYR B 32 6.95 -10.12 -24.04
N LEU B 33 5.73 -10.20 -24.58
CA LEU B 33 4.72 -11.11 -24.06
C LEU B 33 4.93 -12.49 -24.67
N SER B 34 5.01 -13.50 -23.82
CA SER B 34 5.26 -14.85 -24.26
C SER B 34 3.98 -15.47 -24.83
N ASP B 35 4.13 -16.67 -25.40
CA ASP B 35 2.99 -17.39 -25.96
C ASP B 35 2.18 -18.11 -24.90
N GLU B 36 2.70 -18.25 -23.67
CA GLU B 36 1.94 -18.87 -22.61
C GLU B 36 0.99 -17.89 -21.93
N GLU B 37 1.38 -16.61 -21.86
CA GLU B 37 0.53 -15.59 -21.26
C GLU B 37 -0.30 -14.83 -22.30
N ALA B 38 -0.20 -15.20 -23.57
CA ALA B 38 -0.91 -14.47 -24.62
C ALA B 38 -2.38 -14.88 -24.66
N THR B 39 -3.22 -13.92 -25.05
CA THR B 39 -4.66 -14.12 -25.12
C THR B 39 -5.19 -13.97 -26.53
N ALA B 40 -4.84 -12.90 -27.24
CA ALA B 40 -5.28 -12.72 -28.61
C ALA B 40 -4.51 -13.65 -29.54
N GLU B 41 -5.05 -13.83 -30.75
CA GLU B 41 -4.59 -14.88 -31.64
C GLU B 41 -3.80 -14.39 -32.84
N ASP B 42 -3.78 -13.09 -33.11
CA ASP B 42 -3.16 -12.58 -34.32
C ASP B 42 -1.79 -11.97 -34.05
N GLN B 43 -1.06 -11.73 -35.14
CA GLN B 43 0.34 -11.32 -35.06
C GLN B 43 0.45 -9.89 -34.54
N PRO B 44 1.29 -9.63 -33.56
CA PRO B 44 1.47 -8.27 -33.07
C PRO B 44 2.42 -7.48 -33.96
N THR B 45 2.59 -6.20 -33.61
CA THR B 45 3.41 -5.26 -34.36
C THR B 45 4.52 -4.76 -33.45
N GLN B 46 5.77 -5.01 -33.85
CA GLN B 46 6.93 -4.66 -33.04
C GLN B 46 7.85 -3.73 -33.82
N PRO B 47 7.68 -2.41 -33.69
CA PRO B 47 8.49 -1.47 -34.48
C PRO B 47 9.94 -1.36 -34.02
N ASP B 48 10.13 -1.14 -32.72
CA ASP B 48 11.36 -1.32 -31.94
C ASP B 48 12.45 -0.28 -32.19
N VAL B 49 12.31 0.57 -33.21
CA VAL B 49 13.23 1.69 -33.34
C VAL B 49 12.45 2.98 -33.51
N ALA B 50 11.38 2.92 -34.31
CA ALA B 50 10.49 4.06 -34.50
C ALA B 50 9.61 4.32 -33.28
N THR B 51 9.58 3.41 -32.33
CA THR B 51 8.75 3.53 -31.13
C THR B 51 9.57 3.62 -29.86
N CYS B 52 10.53 2.72 -29.67
CA CYS B 52 11.28 2.65 -28.43
C CYS B 52 12.39 3.68 -28.47
N ARG B 53 12.08 4.90 -28.05
CA ARG B 53 13.04 6.00 -28.00
C ARG B 53 12.51 7.09 -27.09
N PHE B 54 13.42 7.98 -26.67
CA PHE B 54 13.11 8.97 -25.66
C PHE B 54 12.28 10.13 -26.20
N TYR B 55 11.17 10.42 -25.53
CA TYR B 55 10.32 11.57 -25.84
C TYR B 55 10.39 12.57 -24.69
N THR B 56 10.61 13.84 -25.03
CA THR B 56 10.82 14.87 -24.03
C THR B 56 9.55 15.68 -23.82
N LEU B 57 9.06 15.70 -22.59
CA LEU B 57 7.83 16.37 -22.23
C LEU B 57 8.11 17.84 -21.96
N ASP B 58 7.12 18.55 -21.43
CA ASP B 58 7.28 19.97 -21.16
C ASP B 58 8.09 20.19 -19.89
N SER B 59 8.90 21.25 -19.90
CA SER B 59 9.62 21.66 -18.71
C SER B 59 8.72 22.50 -17.82
N VAL B 60 8.78 22.25 -16.52
CA VAL B 60 7.98 23.00 -15.55
C VAL B 60 8.91 23.74 -14.62
N SER B 61 8.48 24.92 -14.19
CA SER B 61 9.31 25.83 -13.40
C SER B 61 8.99 25.62 -11.92
N TRP B 62 10.04 25.58 -11.11
CA TRP B 62 9.94 25.24 -9.70
C TRP B 62 10.31 26.46 -8.88
N MET B 63 9.28 27.16 -8.38
CA MET B 63 9.45 28.30 -7.50
C MET B 63 9.67 27.81 -6.07
N LYS B 64 9.76 28.75 -5.13
CA LYS B 64 9.85 28.37 -3.74
C LYS B 64 8.54 27.83 -3.20
N GLU B 65 7.42 28.19 -3.82
CA GLU B 65 6.09 27.86 -3.33
C GLU B 65 5.39 26.81 -4.18
N SER B 66 6.12 26.10 -5.04
CA SER B 66 5.52 25.04 -5.82
C SER B 66 5.24 23.83 -4.96
N GLN B 67 4.21 23.09 -5.33
CA GLN B 67 3.69 22.02 -4.50
C GLN B 67 3.81 20.64 -5.12
N GLY B 68 3.70 20.51 -6.42
CA GLY B 68 3.86 19.21 -7.06
C GLY B 68 3.24 19.18 -8.43
N TRP B 69 3.45 18.05 -9.11
CA TRP B 69 3.03 17.88 -10.50
C TRP B 69 2.71 16.41 -10.74
N TRP B 70 1.82 16.13 -11.69
CA TRP B 70 1.63 14.75 -12.09
C TRP B 70 1.32 14.64 -13.58
N TRP B 71 1.68 13.47 -14.14
CA TRP B 71 1.45 13.10 -15.53
C TRP B 71 0.91 11.67 -15.57
N LYS B 72 -0.14 11.45 -16.35
CA LYS B 72 -0.67 10.12 -16.57
C LYS B 72 0.02 9.49 -17.78
N PHE B 73 0.44 8.22 -17.66
CA PHE B 73 1.35 7.73 -18.69
C PHE B 73 0.97 6.51 -19.52
N PRO B 74 -0.27 6.40 -19.99
CA PRO B 74 -0.19 5.94 -21.38
C PRO B 74 -0.73 7.06 -22.24
N ASP B 75 -1.05 8.18 -21.58
CA ASP B 75 -1.84 9.25 -22.16
C ASP B 75 -1.07 10.52 -22.42
N ALA B 76 0.03 10.76 -21.71
CA ALA B 76 0.86 11.92 -21.98
C ALA B 76 1.65 11.80 -23.28
N LEU B 77 1.79 10.59 -23.82
CA LEU B 77 2.44 10.37 -25.10
C LEU B 77 1.42 10.16 -26.20
N ARG B 78 0.33 10.91 -26.17
CA ARG B 78 -0.70 10.75 -27.19
C ARG B 78 -0.24 11.32 -28.53
N ASP B 79 0.44 12.45 -28.51
CA ASP B 79 0.85 13.15 -29.72
C ASP B 79 2.37 13.19 -29.84
N MET B 80 3.02 12.06 -29.56
CA MET B 80 4.48 11.96 -29.67
C MET B 80 4.78 10.90 -30.72
N GLY B 81 4.74 11.30 -31.98
CA GLY B 81 5.24 10.52 -33.11
C GLY B 81 4.54 9.20 -33.33
N LEU B 82 5.33 8.21 -33.74
CA LEU B 82 4.79 6.91 -34.14
C LEU B 82 4.35 6.06 -32.95
N PHE B 83 4.76 6.40 -31.73
CA PHE B 83 4.14 5.79 -30.56
C PHE B 83 2.69 6.22 -30.43
N GLY B 84 2.42 7.51 -30.63
CA GLY B 84 1.06 7.99 -30.56
C GLY B 84 0.22 7.54 -31.73
N GLN B 85 0.81 7.45 -32.93
CA GLN B 85 0.07 6.96 -34.09
C GLN B 85 -0.25 5.48 -33.95
N ASN B 86 0.73 4.67 -33.54
CA ASN B 86 0.47 3.26 -33.30
C ASN B 86 -0.49 3.05 -32.13
N MET B 87 -0.56 3.99 -31.19
CA MET B 87 -1.64 3.97 -30.21
C MET B 87 -2.98 4.24 -30.86
N GLN B 88 -3.04 5.15 -31.83
CA GLN B 88 -4.34 5.51 -32.38
C GLN B 88 -4.88 4.48 -33.36
N TYR B 89 -4.02 3.68 -34.00
CA TYR B 89 -4.51 2.74 -35.00
C TYR B 89 -4.75 1.34 -34.45
N HIS B 90 -4.24 1.01 -33.27
CA HIS B 90 -4.41 -0.33 -32.72
C HIS B 90 -5.40 -0.31 -31.57
N TYR B 91 -5.84 -1.50 -31.18
CA TYR B 91 -6.77 -1.67 -30.08
C TYR B 91 -6.11 -2.10 -28.78
N LEU B 92 -5.07 -2.93 -28.84
CA LEU B 92 -4.43 -3.46 -27.65
C LEU B 92 -2.98 -3.00 -27.63
N GLY B 93 -2.55 -2.40 -26.52
CA GLY B 93 -1.18 -1.99 -26.40
C GLY B 93 -0.51 -2.55 -25.17
N ARG B 94 0.81 -2.70 -25.22
CA ARG B 94 1.54 -3.29 -24.10
C ARG B 94 2.97 -2.79 -24.17
N SER B 95 3.42 -2.08 -23.14
CA SER B 95 4.78 -1.56 -23.14
C SER B 95 5.27 -1.36 -21.72
N GLY B 96 6.59 -1.40 -21.58
CA GLY B 96 7.25 -0.86 -20.41
C GLY B 96 7.79 0.52 -20.72
N TYR B 97 8.45 1.12 -19.74
CA TYR B 97 8.88 2.50 -19.86
C TYR B 97 10.23 2.71 -19.19
N THR B 98 10.80 3.88 -19.44
CA THR B 98 12.01 4.34 -18.76
C THR B 98 11.85 5.84 -18.53
N ILE B 99 11.69 6.25 -17.29
CA ILE B 99 11.40 7.64 -16.95
C ILE B 99 12.67 8.28 -16.42
N HIS B 100 13.16 9.27 -17.14
CA HIS B 100 14.34 10.03 -16.74
C HIS B 100 13.92 11.48 -16.54
N VAL B 101 14.21 12.03 -15.37
CA VAL B 101 13.81 13.38 -14.99
C VAL B 101 15.05 14.22 -14.76
N GLN B 102 15.17 15.33 -15.48
CA GLN B 102 16.31 16.22 -15.31
C GLN B 102 15.92 17.41 -14.45
N CYS B 103 16.79 17.76 -13.51
CA CYS B 103 16.72 19.03 -12.80
C CYS B 103 18.12 19.35 -12.30
N ASN B 104 18.63 20.52 -12.64
CA ASN B 104 19.98 20.91 -12.26
C ASN B 104 19.96 22.16 -11.39
N ALA B 105 21.03 22.29 -10.61
CA ALA B 105 21.25 23.48 -9.80
C ALA B 105 22.75 23.66 -9.66
N SER B 106 23.16 24.48 -8.72
CA SER B 106 24.56 24.67 -8.37
C SER B 106 24.82 24.08 -6.99
N LYS B 107 26.02 24.33 -6.47
CA LYS B 107 26.34 23.94 -5.10
C LYS B 107 25.87 24.97 -4.07
N PHE B 108 25.19 26.03 -4.50
CA PHE B 108 24.63 27.00 -3.57
C PHE B 108 23.11 26.89 -3.42
N HIS B 109 22.46 26.08 -4.24
CA HIS B 109 21.02 25.85 -4.13
C HIS B 109 20.75 24.61 -3.28
N GLN B 110 19.62 24.61 -2.61
CA GLN B 110 19.18 23.47 -1.82
C GLN B 110 17.75 23.13 -2.17
N GLY B 111 17.35 21.91 -1.84
CA GLY B 111 16.05 21.40 -2.20
C GLY B 111 16.10 19.90 -2.39
N CYS B 112 14.93 19.30 -2.54
CA CYS B 112 14.83 17.85 -2.62
C CYS B 112 13.51 17.46 -3.26
N LEU B 113 13.57 16.78 -4.39
CA LEU B 113 12.39 16.26 -5.08
C LEU B 113 12.20 14.78 -4.76
N LEU B 114 10.96 14.32 -4.91
CA LEU B 114 10.60 12.91 -4.78
C LEU B 114 9.90 12.47 -6.04
N VAL B 115 10.54 11.59 -6.80
CA VAL B 115 10.03 11.13 -8.10
C VAL B 115 9.40 9.76 -7.88
N VAL B 116 8.07 9.68 -7.83
CA VAL B 116 7.41 8.41 -7.58
C VAL B 116 6.72 7.98 -8.86
N CYS B 117 6.60 6.67 -9.05
CA CYS B 117 5.95 6.08 -10.22
C CYS B 117 4.86 5.15 -9.70
N VAL B 118 3.63 5.63 -9.68
CA VAL B 118 2.54 5.04 -8.90
C VAL B 118 1.61 4.29 -9.84
N PRO B 119 1.54 2.96 -9.76
CA PRO B 119 0.56 2.22 -10.56
C PRO B 119 -0.85 2.36 -9.99
N GLU B 120 -1.81 2.56 -10.91
CA GLU B 120 -3.24 2.64 -10.63
C GLU B 120 -3.57 3.73 -9.62
N ALA B 121 -3.12 4.94 -9.93
CA ALA B 121 -3.34 6.08 -9.05
C ALA B 121 -4.71 6.68 -9.31
N GLU B 122 -5.74 5.93 -8.90
CA GLU B 122 -7.12 6.40 -9.01
C GLU B 122 -7.34 7.57 -8.04
N MET B 123 -7.54 8.75 -8.59
CA MET B 123 -7.55 9.97 -7.79
C MET B 123 -8.97 10.34 -7.38
N GLY B 124 -9.05 11.13 -6.31
CA GLY B 124 -10.32 11.61 -5.80
C GLY B 124 -10.80 12.84 -6.55
N ALA B 125 -11.94 13.35 -6.10
CA ALA B 125 -12.56 14.53 -6.66
C ALA B 125 -12.58 15.66 -5.64
N ALA B 126 -12.72 16.89 -6.14
CA ALA B 126 -12.82 18.03 -5.25
C ALA B 126 -14.14 18.04 -4.50
N ASN B 127 -15.24 17.81 -5.21
CA ASN B 127 -16.55 17.65 -4.62
C ASN B 127 -16.91 16.18 -4.64
N ILE B 128 -17.49 15.68 -3.53
CA ILE B 128 -17.45 14.26 -3.23
C ILE B 128 -18.36 13.46 -4.17
N ASN B 129 -19.56 13.95 -4.45
CA ASN B 129 -20.47 13.24 -5.34
C ASN B 129 -20.49 13.85 -6.73
N GLU B 130 -19.32 14.25 -7.25
CA GLU B 130 -19.22 14.99 -8.50
C GLU B 130 -18.33 14.20 -9.47
N LYS B 131 -18.54 14.41 -10.76
CA LYS B 131 -17.77 13.74 -11.79
C LYS B 131 -16.59 14.61 -12.22
N ILE B 132 -15.45 13.97 -12.44
CA ILE B 132 -14.22 14.65 -12.85
C ILE B 132 -14.17 14.68 -14.37
N ASN B 133 -13.87 15.84 -14.94
CA ASN B 133 -13.63 15.89 -16.37
C ASN B 133 -12.25 15.36 -16.71
N ARG B 134 -12.10 14.87 -17.94
CA ARG B 134 -10.86 14.25 -18.38
C ARG B 134 -9.74 15.25 -18.58
N GLU B 135 -10.05 16.54 -18.69
CA GLU B 135 -9.02 17.54 -18.88
C GLU B 135 -8.27 17.88 -17.59
N HIS B 136 -8.69 17.34 -16.45
CA HIS B 136 -8.06 17.64 -15.18
C HIS B 136 -7.28 16.45 -14.61
N LEU B 137 -7.70 15.22 -14.89
CA LEU B 137 -6.86 14.07 -14.57
C LEU B 137 -5.63 14.05 -15.44
N SER B 138 -5.78 14.32 -16.73
CA SER B 138 -4.68 14.34 -17.67
C SER B 138 -4.85 15.53 -18.60
N ASN B 139 -3.72 15.97 -19.16
CA ASN B 139 -3.77 17.06 -20.13
C ASN B 139 -2.75 16.83 -21.25
N GLY B 140 -2.25 15.61 -21.38
CA GLY B 140 -1.19 15.36 -22.34
C GLY B 140 0.15 15.64 -21.72
N GLU B 141 1.00 16.36 -22.46
CA GLU B 141 2.33 16.67 -21.96
C GLU B 141 2.35 17.89 -21.03
N VAL B 142 1.22 18.57 -20.85
CA VAL B 142 1.15 19.70 -19.94
C VAL B 142 0.78 19.18 -18.56
N ALA B 143 1.54 19.57 -17.55
CA ALA B 143 1.38 19.01 -16.23
C ALA B 143 0.21 19.65 -15.48
N ASN B 144 -0.44 18.85 -14.65
CA ASN B 144 -1.36 19.36 -13.65
C ASN B 144 -0.56 19.63 -12.37
N THR B 145 -1.16 20.42 -11.47
CA THR B 145 -0.43 20.94 -10.32
C THR B 145 -1.20 20.65 -9.03
N PHE B 146 -0.50 20.14 -8.02
CA PHE B 146 -1.11 20.03 -6.69
C PHE B 146 -1.23 21.41 -6.06
N SER B 147 -2.04 21.50 -5.03
CA SER B 147 -2.16 22.72 -4.24
C SER B 147 -1.81 22.44 -2.79
N GLY B 148 -1.44 23.50 -2.08
CA GLY B 148 -1.06 23.35 -0.69
C GLY B 148 -2.22 23.15 0.25
N THR B 149 -3.40 23.64 -0.10
CA THR B 149 -4.56 23.59 0.76
C THR B 149 -5.67 22.77 0.12
N LYS B 150 -6.83 22.74 0.78
CA LYS B 150 -7.99 22.02 0.29
C LYS B 150 -8.59 22.75 -0.90
N SER B 151 -8.39 22.22 -2.10
CA SER B 151 -8.96 22.81 -3.30
C SER B 151 -10.38 22.31 -3.50
N SER B 152 -11.26 23.22 -3.92
CA SER B 152 -12.68 22.92 -4.07
C SER B 152 -13.19 23.45 -5.40
N ASN B 153 -12.44 23.21 -6.47
CA ASN B 153 -12.85 23.63 -7.81
C ASN B 153 -13.96 22.73 -8.33
N THR B 154 -14.53 23.14 -9.46
CA THR B 154 -15.58 22.37 -10.13
C THR B 154 -14.94 21.34 -11.06
N ASN B 155 -15.39 20.08 -10.91
CA ASN B 155 -15.01 18.96 -11.78
C ASN B 155 -13.51 18.72 -11.79
N ASP B 156 -12.88 18.84 -10.62
CA ASP B 156 -11.44 18.81 -10.52
C ASP B 156 -11.02 17.81 -9.46
N VAL B 157 -9.77 17.38 -9.53
CA VAL B 157 -9.18 16.50 -8.53
C VAL B 157 -8.98 17.26 -7.24
N GLN B 158 -9.18 16.59 -6.10
CA GLN B 158 -8.79 17.16 -4.81
C GLN B 158 -7.28 17.32 -4.76
N GLN B 159 -6.80 18.55 -4.84
CA GLN B 159 -5.38 18.84 -4.98
C GLN B 159 -4.85 19.28 -3.61
N ALA B 160 -4.36 18.30 -2.85
CA ALA B 160 -3.70 18.59 -1.59
C ALA B 160 -2.48 17.69 -1.49
N VAL B 161 -1.32 18.28 -1.17
CA VAL B 161 -0.07 17.54 -1.25
C VAL B 161 0.04 16.49 -0.16
N PHE B 162 -0.57 16.73 1.00
CA PHE B 162 -0.51 15.80 2.11
C PHE B 162 -1.47 14.63 1.98
N ASN B 163 -2.14 14.51 0.82
CA ASN B 163 -2.92 13.34 0.49
C ASN B 163 -2.66 12.84 -0.92
N ALA B 164 -1.83 13.54 -1.70
CA ALA B 164 -1.37 13.18 -3.04
C ALA B 164 -2.50 13.00 -4.04
N GLY B 165 -3.68 13.56 -3.76
CA GLY B 165 -4.84 13.34 -4.60
C GLY B 165 -5.48 11.97 -4.48
N MET B 166 -4.94 11.08 -3.63
CA MET B 166 -5.42 9.71 -3.55
C MET B 166 -5.97 9.32 -2.19
N GLY B 167 -5.77 10.14 -1.15
CA GLY B 167 -6.32 9.87 0.16
C GLY B 167 -5.44 9.11 1.10
N VAL B 168 -4.12 9.12 0.89
CA VAL B 168 -3.19 8.40 1.74
C VAL B 168 -2.23 9.42 2.36
N ALA B 169 -1.34 8.92 3.21
CA ALA B 169 -0.28 9.77 3.73
C ALA B 169 0.83 9.88 2.69
N VAL B 170 1.26 11.11 2.40
CA VAL B 170 2.27 11.32 1.37
C VAL B 170 3.64 10.85 1.82
N GLY B 171 3.88 10.72 3.13
CA GLY B 171 5.13 10.15 3.58
C GLY B 171 5.21 8.65 3.35
N ASN B 172 4.06 7.97 3.33
CA ASN B 172 3.99 6.54 3.07
C ASN B 172 3.99 6.21 1.60
N LEU B 173 4.25 7.18 0.73
CA LEU B 173 4.12 7.02 -0.70
C LEU B 173 5.40 6.48 -1.32
N THR B 174 6.33 5.98 -0.50
CA THR B 174 7.62 5.49 -0.96
C THR B 174 7.63 3.98 -1.14
N ILE B 175 6.46 3.34 -1.07
CA ILE B 175 6.38 1.90 -1.35
C ILE B 175 6.49 1.63 -2.85
N PHE B 176 6.28 2.64 -3.68
CA PHE B 176 6.33 2.52 -5.13
C PHE B 176 7.76 2.71 -5.61
N PRO B 177 8.11 2.28 -6.85
CA PRO B 177 9.47 2.54 -7.36
C PRO B 177 9.79 4.02 -7.50
N HIS B 178 10.76 4.49 -6.71
CA HIS B 178 10.97 5.91 -6.50
C HIS B 178 12.46 6.21 -6.45
N GLN B 179 12.79 7.47 -6.73
CA GLN B 179 14.08 8.05 -6.38
C GLN B 179 13.87 9.46 -5.86
N TRP B 180 14.96 10.06 -5.39
CA TRP B 180 14.99 11.42 -4.91
C TRP B 180 15.89 12.24 -5.80
N ILE B 181 15.54 13.51 -6.02
CA ILE B 181 16.48 14.43 -6.64
C ILE B 181 16.94 15.40 -5.56
N ASN B 182 18.03 15.05 -4.90
CA ASN B 182 18.62 15.90 -3.87
C ASN B 182 19.63 16.81 -4.53
N LEU B 183 19.49 18.12 -4.33
CA LEU B 183 20.29 19.06 -5.09
C LEU B 183 21.73 19.18 -4.61
N ARG B 184 22.15 18.47 -3.57
CA ARG B 184 23.57 18.49 -3.22
C ARG B 184 24.32 17.28 -3.74
N THR B 185 23.63 16.23 -4.17
CA THR B 185 24.29 15.05 -4.72
C THR B 185 23.76 14.65 -6.09
N ASN B 186 22.47 14.80 -6.34
CA ASN B 186 21.86 14.29 -7.56
C ASN B 186 21.81 15.35 -8.65
N ASN B 187 21.50 14.87 -9.83
CA ASN B 187 21.17 15.70 -10.96
C ASN B 187 20.00 15.14 -11.75
N CYS B 188 19.63 13.88 -11.54
CA CYS B 188 18.69 13.18 -12.39
C CYS B 188 18.22 11.91 -11.68
N ALA B 189 17.15 11.31 -12.21
CA ALA B 189 16.54 10.16 -11.56
C ALA B 189 15.94 9.25 -12.62
N THR B 190 16.54 8.07 -12.79
CA THR B 190 16.14 7.12 -13.83
C THR B 190 15.31 6.01 -13.20
N ILE B 191 14.13 5.75 -13.74
CA ILE B 191 13.21 4.73 -13.24
C ILE B 191 12.79 3.85 -14.39
N VAL B 192 13.21 2.58 -14.38
CA VAL B 192 12.78 1.61 -15.36
C VAL B 192 11.52 0.93 -14.83
N MET B 193 10.45 0.95 -15.61
CA MET B 193 9.13 0.53 -15.13
C MET B 193 8.53 -0.53 -16.04
N PRO B 194 8.36 -1.78 -15.58
CA PRO B 194 7.76 -2.79 -16.46
C PRO B 194 6.25 -2.67 -16.53
N TYR B 195 5.62 -3.59 -17.25
CA TYR B 195 4.17 -3.53 -17.45
C TYR B 195 3.46 -4.19 -16.28
N ILE B 196 2.62 -3.43 -15.58
CA ILE B 196 1.89 -3.94 -14.42
C ILE B 196 0.41 -3.68 -14.64
N ASN B 197 -0.34 -4.76 -14.83
CA ASN B 197 -1.77 -4.69 -15.08
C ASN B 197 -2.35 -6.07 -14.78
N SER B 198 -3.67 -6.13 -14.63
CA SER B 198 -4.34 -7.39 -14.32
C SER B 198 -4.60 -8.23 -15.57
N VAL B 199 -4.38 -7.70 -16.76
CA VAL B 199 -4.65 -8.40 -18.02
C VAL B 199 -3.38 -8.34 -18.86
N PRO B 200 -3.15 -9.24 -19.81
CA PRO B 200 -1.87 -9.19 -20.55
C PRO B 200 -1.72 -8.01 -21.48
N MET B 201 -2.79 -7.58 -22.14
CA MET B 201 -2.77 -6.37 -22.95
C MET B 201 -4.01 -5.56 -22.62
N ASP B 202 -3.93 -4.25 -22.85
CA ASP B 202 -5.05 -3.39 -22.54
C ASP B 202 -5.05 -2.22 -23.53
N ASN B 203 -6.19 -1.55 -23.64
CA ASN B 203 -6.31 -0.42 -24.52
C ASN B 203 -5.64 0.78 -23.89
N MET B 204 -4.97 1.59 -24.71
CA MET B 204 -4.11 2.64 -24.19
C MET B 204 -4.79 4.00 -24.12
N PHE B 205 -6.10 4.09 -24.36
CA PHE B 205 -6.84 5.31 -24.12
C PHE B 205 -7.82 5.20 -22.96
N ARG B 206 -8.54 4.09 -22.88
CA ARG B 206 -9.55 3.91 -21.85
C ARG B 206 -8.92 3.67 -20.48
N HIS B 207 -7.69 3.19 -20.43
CA HIS B 207 -6.99 2.88 -19.19
C HIS B 207 -5.86 3.86 -18.95
N TYR B 208 -5.59 4.17 -17.68
CA TYR B 208 -4.36 4.85 -17.26
C TYR B 208 -3.53 3.83 -16.48
N ASN B 209 -2.36 3.48 -17.02
CA ASN B 209 -1.55 2.44 -16.39
C ASN B 209 -0.94 2.92 -15.08
N PHE B 210 -0.23 4.05 -15.10
CA PHE B 210 0.38 4.57 -13.88
C PHE B 210 0.42 6.09 -13.94
N THR B 211 1.04 6.68 -12.92
CA THR B 211 1.07 8.13 -12.75
C THR B 211 2.41 8.52 -12.15
N LEU B 212 3.18 9.33 -12.87
CA LEU B 212 4.39 9.91 -12.33
C LEU B 212 4.04 11.08 -11.42
N MET B 213 4.71 11.16 -10.28
CA MET B 213 4.50 12.24 -9.32
C MET B 213 5.84 12.80 -8.87
N ILE B 214 5.99 14.12 -8.93
CA ILE B 214 7.20 14.81 -8.46
C ILE B 214 6.77 15.80 -7.37
N ILE B 215 7.12 15.51 -6.13
CA ILE B 215 6.66 16.28 -4.98
C ILE B 215 7.88 16.77 -4.21
N PRO B 216 8.08 18.07 -4.03
CA PRO B 216 9.23 18.59 -3.27
C PRO B 216 8.99 18.60 -1.76
N PHE B 217 9.67 17.70 -1.04
CA PHE B 217 9.59 17.74 0.42
C PHE B 217 10.37 18.92 0.99
N ALA B 218 11.66 18.98 0.72
CA ALA B 218 12.45 20.14 1.12
C ALA B 218 12.29 21.23 0.07
N LYS B 219 11.77 22.38 0.48
CA LYS B 219 11.42 23.43 -0.46
C LYS B 219 12.67 24.06 -1.07
N LEU B 220 12.50 24.55 -2.30
CA LEU B 220 13.61 25.19 -3.00
C LEU B 220 13.93 26.51 -2.35
N ASP B 221 15.22 26.77 -2.16
CA ASP B 221 15.63 27.95 -1.44
C ASP B 221 17.03 28.35 -1.91
N TYR B 222 17.28 29.65 -1.94
CA TYR B 222 18.51 30.19 -2.48
C TYR B 222 18.71 31.59 -1.94
N ALA B 223 19.88 32.15 -2.22
CA ALA B 223 20.24 33.45 -1.67
C ALA B 223 19.79 34.57 -2.61
N ALA B 224 20.20 35.79 -2.28
CA ALA B 224 19.70 36.97 -2.97
C ALA B 224 20.40 37.25 -4.30
N GLY B 225 21.25 36.35 -4.79
CA GLY B 225 21.94 36.62 -6.04
C GLY B 225 21.99 35.42 -6.96
N SER B 226 21.48 34.29 -6.50
CA SER B 226 21.53 33.06 -7.29
C SER B 226 20.44 33.07 -8.36
N SER B 227 20.47 32.08 -9.23
CA SER B 227 19.55 32.02 -10.35
C SER B 227 18.17 31.57 -9.89
N THR B 228 17.14 32.27 -10.36
CA THR B 228 15.78 32.03 -9.91
C THR B 228 15.07 30.94 -10.70
N TYR B 229 15.19 30.97 -12.03
CA TYR B 229 14.47 30.02 -12.88
C TYR B 229 15.17 28.67 -12.85
N ILE B 230 14.50 27.67 -12.28
CA ILE B 230 15.02 26.30 -12.23
C ILE B 230 13.99 25.38 -12.87
N PRO B 231 14.24 24.86 -14.07
CA PRO B 231 13.25 23.99 -14.71
C PRO B 231 13.36 22.56 -14.22
N ILE B 232 12.32 21.80 -14.53
CA ILE B 232 12.26 20.35 -14.28
C ILE B 232 11.78 19.72 -15.58
N THR B 233 12.59 18.84 -16.15
CA THR B 233 12.33 18.31 -17.48
C THR B 233 12.25 16.79 -17.42
N VAL B 234 11.16 16.23 -17.95
CA VAL B 234 10.86 14.81 -17.89
C VAL B 234 11.00 14.22 -19.29
N THR B 235 11.72 13.11 -19.40
CA THR B 235 11.92 12.43 -20.67
C THR B 235 11.57 10.96 -20.50
N VAL B 236 10.76 10.41 -21.41
CA VAL B 236 10.25 9.05 -21.31
C VAL B 236 10.49 8.28 -22.59
N ALA B 237 10.74 6.98 -22.45
CA ALA B 237 11.02 6.10 -23.58
C ALA B 237 10.25 4.80 -23.37
N PRO B 238 9.32 4.44 -24.26
CA PRO B 238 8.66 3.15 -24.15
C PRO B 238 9.64 2.02 -24.42
N MET B 239 9.42 0.89 -23.76
CA MET B 239 10.27 -0.27 -23.92
C MET B 239 9.41 -1.50 -24.18
N CYS B 240 9.81 -2.29 -25.18
CA CYS B 240 9.15 -3.54 -25.56
C CYS B 240 7.69 -3.32 -25.95
N ALA B 241 7.44 -2.25 -26.69
CA ALA B 241 6.10 -1.90 -27.10
C ALA B 241 5.64 -2.79 -28.23
N GLU B 242 4.46 -3.39 -28.07
CA GLU B 242 3.84 -4.16 -29.13
C GLU B 242 2.35 -3.90 -29.13
N TYR B 243 1.72 -4.19 -30.26
CA TYR B 243 0.40 -3.68 -30.57
C TYR B 243 -0.45 -4.75 -31.25
N ASN B 244 -1.76 -4.72 -31.01
CA ASN B 244 -2.59 -5.80 -31.52
C ASN B 244 -3.97 -5.26 -31.88
N GLY B 245 -4.57 -5.83 -32.92
CA GLY B 245 -5.92 -5.47 -33.32
C GLY B 245 -6.04 -4.20 -34.14
N LEU B 246 -5.50 -4.20 -35.36
CA LEU B 246 -5.47 -3.01 -36.19
C LEU B 246 -6.86 -2.68 -36.73
N ARG B 247 -7.26 -1.42 -36.60
CA ARG B 247 -8.49 -0.91 -37.20
C ARG B 247 -8.30 0.58 -37.46
N LEU B 248 -9.38 1.28 -37.83
CA LEU B 248 -9.33 2.67 -38.23
C LEU B 248 -8.97 3.58 -37.05
N ALA B 249 -8.63 4.82 -37.38
CA ALA B 249 -8.13 5.78 -36.40
C ALA B 249 -9.29 6.45 -35.68
N GLY B 250 -9.15 6.61 -34.38
CA GLY B 250 -10.16 7.27 -33.58
C GLY B 250 -10.07 6.75 -32.16
N HIS B 251 -10.89 7.35 -31.30
CA HIS B 251 -11.08 6.85 -29.94
C HIS B 251 -12.46 7.28 -29.45
N GLN B 252 -13.43 6.37 -29.59
CA GLN B 252 -14.80 6.60 -29.18
C GLN B 252 -15.53 5.27 -29.03
N GLY C 1 -26.37 -46.95 11.61
CA GLY C 1 -25.13 -46.62 10.93
C GLY C 1 -23.95 -46.63 11.87
N LEU C 2 -23.05 -45.67 11.70
CA LEU C 2 -21.90 -45.57 12.60
C LEU C 2 -22.29 -44.76 13.83
N PRO C 3 -22.10 -45.30 15.04
CA PRO C 3 -22.45 -44.54 16.24
C PRO C 3 -21.40 -43.47 16.52
N VAL C 4 -21.85 -42.23 16.68
CA VAL C 4 -20.98 -41.09 16.83
C VAL C 4 -21.50 -40.28 18.02
N MET C 5 -20.67 -39.38 18.53
CA MET C 5 -21.05 -38.56 19.69
C MET C 5 -20.63 -37.13 19.43
N ASN C 6 -21.56 -36.20 19.64
CA ASN C 6 -21.29 -34.80 19.42
C ASN C 6 -20.63 -34.16 20.63
N THR C 7 -19.53 -33.47 20.41
CA THR C 7 -18.80 -32.78 21.45
C THR C 7 -19.33 -31.36 21.59
N PRO C 8 -18.99 -30.66 22.67
CA PRO C 8 -19.23 -29.21 22.70
C PRO C 8 -18.40 -28.49 21.66
N GLY C 9 -18.97 -27.41 21.12
CA GLY C 9 -18.41 -26.77 19.95
C GLY C 9 -19.09 -27.14 18.66
N SER C 10 -20.09 -28.02 18.71
CA SER C 10 -20.85 -28.38 17.53
C SER C 10 -21.82 -27.26 17.18
N ASN C 11 -22.10 -27.12 15.87
CA ASN C 11 -23.11 -26.21 15.33
C ASN C 11 -22.85 -24.75 15.67
N GLN C 12 -21.58 -24.37 15.85
CA GLN C 12 -21.23 -22.98 16.06
C GLN C 12 -20.50 -22.46 14.84
N PHE C 13 -20.43 -21.13 14.75
CA PHE C 13 -19.68 -20.44 13.71
C PHE C 13 -18.59 -19.64 14.38
N LEU C 14 -17.37 -20.14 14.32
CA LEU C 14 -16.19 -19.42 14.78
C LEU C 14 -15.60 -18.70 13.58
N THR C 15 -15.12 -17.48 13.80
CA THR C 15 -14.61 -16.68 12.69
C THR C 15 -13.30 -17.24 12.16
N SER C 16 -12.49 -17.86 13.02
CA SER C 16 -11.22 -18.46 12.63
C SER C 16 -11.36 -19.94 12.28
N ASP C 17 -12.47 -20.33 11.68
CA ASP C 17 -12.63 -21.69 11.22
C ASP C 17 -11.79 -21.96 9.98
N ASP C 18 -11.40 -23.22 9.83
CA ASP C 18 -10.51 -23.65 8.75
C ASP C 18 -10.99 -24.98 8.19
N TYR C 19 -12.29 -25.11 8.01
CA TYR C 19 -12.89 -26.37 7.60
C TYR C 19 -13.05 -26.40 6.09
N GLN C 20 -13.76 -27.40 5.59
CA GLN C 20 -14.06 -27.54 4.18
C GLN C 20 -15.55 -27.36 3.94
N SER C 21 -15.88 -26.78 2.79
CA SER C 21 -17.23 -26.38 2.48
C SER C 21 -17.49 -26.58 1.00
N PRO C 22 -18.68 -27.04 0.63
CA PRO C 22 -18.91 -27.42 -0.78
C PRO C 22 -19.05 -26.20 -1.67
N THR C 23 -18.61 -26.35 -2.92
CA THR C 23 -18.66 -25.25 -3.87
C THR C 23 -20.08 -25.04 -4.38
N ALA C 24 -20.44 -23.77 -4.56
CA ALA C 24 -21.72 -23.44 -5.16
C ALA C 24 -21.71 -23.61 -6.67
N MET C 25 -20.53 -23.63 -7.30
CA MET C 25 -20.39 -23.79 -8.74
C MET C 25 -19.39 -24.91 -8.98
N PRO C 26 -19.85 -26.15 -9.12
CA PRO C 26 -18.92 -27.26 -9.35
C PRO C 26 -18.35 -27.21 -10.75
N GLN C 27 -17.09 -27.65 -10.87
CA GLN C 27 -16.34 -27.73 -12.12
C GLN C 27 -16.24 -26.38 -12.82
N PHE C 28 -16.09 -25.31 -12.05
CA PHE C 28 -15.95 -23.99 -12.62
C PHE C 28 -14.53 -23.81 -13.14
N ASP C 29 -14.41 -23.49 -14.43
CA ASP C 29 -13.11 -23.33 -15.06
C ASP C 29 -12.50 -21.98 -14.69
N VAL C 30 -11.50 -22.01 -13.81
CA VAL C 30 -10.82 -20.78 -13.41
C VAL C 30 -9.94 -20.31 -14.54
N THR C 31 -9.86 -18.98 -14.72
CA THR C 31 -8.96 -18.38 -15.70
C THR C 31 -7.50 -18.69 -15.34
N PRO C 32 -6.62 -18.79 -16.33
CA PRO C 32 -5.22 -19.12 -16.04
C PRO C 32 -4.51 -18.03 -15.27
N GLU C 33 -3.35 -18.40 -14.75
CA GLU C 33 -2.57 -17.56 -13.86
C GLU C 33 -1.45 -16.87 -14.64
N MET C 34 -1.28 -15.58 -14.39
CA MET C 34 -0.32 -14.77 -15.12
C MET C 34 0.71 -14.21 -14.15
N ASN C 35 1.98 -14.26 -14.55
CA ASN C 35 3.05 -13.79 -13.71
C ASN C 35 3.06 -12.26 -13.72
N ILE C 36 2.75 -11.66 -12.57
CA ILE C 36 2.65 -10.21 -12.43
C ILE C 36 3.79 -9.77 -11.51
N PRO C 37 4.57 -8.77 -11.88
CA PRO C 37 5.70 -8.37 -11.01
C PRO C 37 5.23 -7.64 -9.76
N GLY C 38 5.84 -8.00 -8.64
CA GLY C 38 5.53 -7.37 -7.37
C GLY C 38 4.63 -8.19 -6.48
N GLU C 39 4.85 -9.50 -6.41
CA GLU C 39 4.03 -10.38 -5.59
C GLU C 39 4.40 -10.22 -4.12
N VAL C 40 3.39 -10.13 -3.27
CA VAL C 40 3.60 -10.05 -1.83
C VAL C 40 3.24 -11.38 -1.23
N LYS C 41 4.17 -11.99 -0.52
CA LYS C 41 3.92 -13.24 0.19
C LYS C 41 3.91 -13.05 1.69
N ASN C 42 4.24 -11.85 2.18
CA ASN C 42 4.40 -11.57 3.59
C ASN C 42 4.32 -10.07 3.76
N LEU C 43 3.55 -9.61 4.76
CA LEU C 43 3.50 -8.19 5.07
C LEU C 43 4.83 -7.66 5.61
N MET C 44 5.68 -8.54 6.13
CA MET C 44 7.01 -8.14 6.55
C MET C 44 7.91 -7.73 5.39
N GLU C 45 7.58 -8.15 4.16
CA GLU C 45 8.26 -7.57 3.00
C GLU C 45 7.91 -6.10 2.84
N ILE C 46 6.68 -5.73 3.18
CA ILE C 46 6.26 -4.34 3.08
C ILE C 46 6.82 -3.52 4.23
N ALA C 47 6.82 -4.07 5.44
CA ALA C 47 7.22 -3.32 6.62
C ALA C 47 8.72 -3.03 6.68
N GLU C 48 9.53 -3.65 5.82
CA GLU C 48 10.96 -3.39 5.78
C GLU C 48 11.34 -2.28 4.83
N VAL C 49 10.37 -1.60 4.22
CA VAL C 49 10.65 -0.53 3.28
C VAL C 49 10.69 0.79 4.06
N ASP C 50 11.69 1.62 3.75
CA ASP C 50 11.79 2.94 4.34
C ASP C 50 10.61 3.81 3.94
N SER C 51 10.18 4.67 4.87
CA SER C 51 9.09 5.59 4.64
C SER C 51 9.22 6.74 5.62
N VAL C 52 8.76 7.91 5.21
CA VAL C 52 9.17 9.15 5.85
C VAL C 52 8.37 9.35 7.13
N VAL C 53 9.02 9.90 8.15
CA VAL C 53 8.43 10.04 9.48
C VAL C 53 8.01 11.50 9.66
N PRO C 54 6.76 11.78 9.99
CA PRO C 54 6.33 13.16 10.27
C PRO C 54 6.72 13.64 11.67
N VAL C 55 7.96 14.12 11.78
CA VAL C 55 8.50 14.52 13.08
C VAL C 55 7.92 15.87 13.51
N ASN C 56 7.61 16.75 12.58
CA ASN C 56 7.27 18.14 12.91
C ASN C 56 5.76 18.35 13.06
N ASN C 57 5.05 17.35 13.59
CA ASN C 57 3.62 17.45 13.82
C ASN C 57 3.30 18.35 14.99
N VAL C 58 3.43 19.65 14.81
CA VAL C 58 3.23 20.62 15.87
C VAL C 58 2.19 21.61 15.39
N ASN C 59 1.00 21.58 16.00
CA ASN C 59 -0.08 22.59 16.00
C ASN C 59 -0.38 23.25 14.64
N GLU C 60 -0.98 22.46 13.74
CA GLU C 60 -1.49 22.74 12.36
C GLU C 60 -0.36 22.62 11.33
N ASN C 61 0.80 22.09 11.71
CA ASN C 61 1.73 21.66 10.67
C ASN C 61 1.32 20.34 10.03
N VAL C 62 0.34 19.62 10.58
CA VAL C 62 -0.11 18.39 9.96
C VAL C 62 -0.99 18.63 8.74
N ASN C 63 -1.60 19.80 8.62
CA ASN C 63 -2.38 20.12 7.42
C ASN C 63 -1.55 20.83 6.38
N SER C 64 -0.36 20.31 6.13
CA SER C 64 0.56 20.76 5.10
C SER C 64 1.63 19.68 4.96
N LEU C 65 2.64 19.97 4.16
CA LEU C 65 3.77 19.08 3.94
C LEU C 65 4.95 19.47 4.82
N GLU C 66 4.80 20.53 5.62
CA GLU C 66 5.81 21.01 6.56
C GLU C 66 6.01 20.06 7.74
N ALA C 67 5.10 19.11 7.97
CA ALA C 67 5.23 18.19 9.09
C ALA C 67 6.40 17.22 8.93
N TYR C 68 6.94 17.10 7.72
CA TYR C 68 8.05 16.21 7.47
C TYR C 68 9.40 16.88 7.62
N ARG C 69 9.42 18.21 7.56
CA ARG C 69 10.67 18.96 7.57
C ARG C 69 11.11 19.16 9.01
N ILE C 70 12.32 18.71 9.33
CA ILE C 70 12.94 18.98 10.63
C ILE C 70 13.78 20.25 10.47
N PRO C 71 13.42 21.34 11.14
CA PRO C 71 14.21 22.58 11.00
C PRO C 71 15.55 22.45 11.69
N VAL C 72 16.60 22.89 10.99
CA VAL C 72 17.94 22.87 11.54
C VAL C 72 18.71 24.01 10.88
N HIS C 73 19.64 24.58 11.63
CA HIS C 73 20.28 25.84 11.25
C HIS C 73 21.57 25.98 12.05
N SER C 74 22.20 27.15 11.93
CA SER C 74 23.37 27.45 12.74
C SER C 74 22.93 27.92 14.12
N VAL C 75 23.63 27.48 15.14
CA VAL C 75 23.25 27.73 16.51
C VAL C 75 24.13 28.83 17.10
N THR C 76 23.81 29.24 18.33
CA THR C 76 24.62 30.22 19.03
C THR C 76 25.81 29.57 19.73
N GLU C 77 25.57 28.72 20.73
CA GLU C 77 26.73 28.14 21.40
C GLU C 77 27.10 26.77 20.84
N THR C 78 26.32 25.74 21.18
CA THR C 78 26.45 24.33 20.79
C THR C 78 25.40 23.55 21.55
N GLY C 79 25.29 22.26 21.23
CA GLY C 79 24.76 21.28 22.15
C GLY C 79 23.29 21.40 22.50
N ALA C 80 22.49 21.97 21.60
CA ALA C 80 21.06 22.02 21.84
C ALA C 80 20.38 20.77 21.28
N GLN C 81 19.12 20.58 21.66
CA GLN C 81 18.37 19.44 21.17
C GLN C 81 17.69 19.78 19.85
N VAL C 82 17.74 18.85 18.90
CA VAL C 82 17.12 19.08 17.59
C VAL C 82 15.65 18.68 17.63
N PHE C 83 15.39 17.38 17.81
CA PHE C 83 14.02 16.89 17.93
C PHE C 83 14.01 15.77 18.98
N GLY C 84 12.89 15.06 19.06
CA GLY C 84 12.79 13.95 19.98
C GLY C 84 11.42 13.31 20.01
N PHE C 85 11.39 11.99 20.18
CA PHE C 85 10.14 11.24 20.32
C PHE C 85 10.44 9.95 21.08
N THR C 86 9.38 9.23 21.41
CA THR C 86 9.48 7.98 22.17
C THR C 86 9.35 6.79 21.23
N LEU C 87 10.08 5.72 21.53
CA LEU C 87 10.13 4.58 20.63
C LEU C 87 8.87 3.76 20.85
N GLN C 88 7.80 4.16 20.17
CA GLN C 88 6.53 3.42 20.18
C GLN C 88 5.99 3.38 18.76
N PRO C 89 6.40 2.39 17.97
CA PRO C 89 5.87 2.29 16.61
C PRO C 89 4.44 1.76 16.59
N GLY C 90 3.48 2.64 16.81
CA GLY C 90 2.09 2.21 16.83
C GLY C 90 1.29 2.85 17.94
N ALA C 91 1.95 3.58 18.81
CA ALA C 91 1.25 4.29 19.87
C ALA C 91 1.72 5.75 19.93
N ASP C 92 2.99 5.99 19.63
CA ASP C 92 3.50 7.34 19.55
C ASP C 92 2.91 8.05 18.35
N THR C 93 2.54 9.32 18.55
CA THR C 93 1.87 10.09 17.50
C THR C 93 2.80 10.45 16.35
N VAL C 94 4.11 10.35 16.53
CA VAL C 94 5.04 10.70 15.46
C VAL C 94 5.04 9.60 14.40
N MET C 95 5.33 8.37 14.80
CA MET C 95 5.33 7.23 13.89
C MET C 95 4.07 6.39 14.01
N GLU C 96 2.93 7.04 14.22
CA GLU C 96 1.65 6.35 14.26
C GLU C 96 1.18 6.02 12.84
N ARG C 97 1.10 7.03 11.99
CA ARG C 97 0.56 6.90 10.64
C ARG C 97 1.60 6.47 9.60
N THR C 98 2.82 6.17 10.02
CA THR C 98 3.82 5.65 9.10
C THR C 98 3.43 4.21 8.71
N LEU C 99 4.06 3.69 7.65
CA LEU C 99 3.74 2.36 7.15
C LEU C 99 4.05 1.28 8.19
N LEU C 100 5.17 1.42 8.90
CA LEU C 100 5.46 0.57 10.04
C LEU C 100 4.42 0.76 11.14
N GLY C 101 3.92 1.98 11.31
CA GLY C 101 2.88 2.22 12.30
C GLY C 101 1.52 1.67 11.91
N GLU C 102 1.22 1.64 10.60
CA GLU C 102 -0.03 1.05 10.14
C GLU C 102 -0.01 -0.46 10.33
N ILE C 103 1.03 -1.11 9.80
CA ILE C 103 1.12 -2.56 9.85
C ILE C 103 1.27 -3.04 11.29
N LEU C 104 2.00 -2.30 12.12
CA LEU C 104 2.03 -2.63 13.54
C LEU C 104 0.71 -2.28 14.24
N ASN C 105 -0.08 -1.37 13.70
CA ASN C 105 -1.40 -1.15 14.27
C ASN C 105 -2.44 -2.17 13.85
N TYR C 106 -2.15 -3.05 12.90
CA TYR C 106 -2.96 -4.27 12.78
C TYR C 106 -2.43 -5.43 13.61
N TYR C 107 -1.50 -5.18 14.53
CA TYR C 107 -1.00 -6.23 15.41
C TYR C 107 -0.93 -5.73 16.85
N ALA C 108 -0.67 -6.66 17.77
CA ALA C 108 -0.69 -6.33 19.18
C ALA C 108 0.63 -6.57 19.91
N ASN C 109 1.48 -7.45 19.40
CA ASN C 109 2.82 -7.64 19.94
C ASN C 109 3.83 -7.44 18.82
N TRP C 110 4.99 -6.92 19.16
CA TRP C 110 6.05 -6.73 18.18
C TRP C 110 7.39 -7.00 18.82
N SER C 111 8.39 -7.24 17.97
CA SER C 111 9.72 -7.65 18.40
C SER C 111 10.70 -7.39 17.28
N GLY C 112 11.92 -7.03 17.64
CA GLY C 112 12.98 -6.86 16.66
C GLY C 112 13.46 -5.41 16.59
N SER C 113 14.47 -5.21 15.75
CA SER C 113 15.17 -3.94 15.69
C SER C 113 14.49 -2.99 14.70
N ILE C 114 14.89 -1.72 14.77
CA ILE C 114 14.30 -0.64 13.98
C ILE C 114 15.41 0.23 13.44
N LYS C 115 15.40 0.47 12.13
CA LYS C 115 16.31 1.39 11.48
C LYS C 115 15.71 2.78 11.41
N LEU C 116 16.52 3.80 11.74
CA LEU C 116 16.15 5.19 11.51
C LEU C 116 17.20 5.83 10.61
N THR C 117 16.77 6.30 9.45
CA THR C 117 17.63 6.89 8.45
C THR C 117 17.33 8.38 8.33
N PHE C 118 18.39 9.20 8.32
CA PHE C 118 18.25 10.65 8.30
C PHE C 118 18.95 11.21 7.06
N MET C 119 18.19 11.88 6.21
CA MET C 119 18.71 12.46 4.98
C MET C 119 18.82 13.96 5.16
N TYR C 120 19.98 14.51 4.85
CA TYR C 120 20.22 15.94 4.98
C TYR C 120 19.97 16.61 3.64
N CYS C 121 19.01 17.53 3.61
CA CYS C 121 18.54 18.14 2.38
C CYS C 121 19.01 19.59 2.24
N GLY C 122 20.19 19.90 2.77
CA GLY C 122 20.74 21.24 2.68
C GLY C 122 21.60 21.42 1.44
N SER C 123 22.51 22.37 1.52
CA SER C 123 23.32 22.77 0.38
C SER C 123 24.62 21.98 0.34
N ALA C 124 25.24 21.96 -0.84
CA ALA C 124 26.44 21.16 -1.03
C ALA C 124 27.66 21.77 -0.37
N MET C 125 27.60 23.04 0.02
CA MET C 125 28.73 23.72 0.62
C MET C 125 28.65 23.82 2.13
N ALA C 126 27.62 23.24 2.76
CA ALA C 126 27.44 23.32 4.19
C ALA C 126 27.88 22.03 4.86
N THR C 127 28.40 22.16 6.09
CA THR C 127 28.86 21.03 6.87
C THR C 127 28.16 21.06 8.22
N GLY C 128 28.25 19.95 8.95
CA GLY C 128 27.66 19.89 10.28
C GLY C 128 27.80 18.50 10.86
N LYS C 129 27.55 18.41 12.16
CA LYS C 129 27.65 17.15 12.88
C LYS C 129 26.48 17.04 13.85
N PHE C 130 26.06 15.80 14.11
CA PHE C 130 24.91 15.55 14.96
C PHE C 130 25.15 14.29 15.79
N LEU C 131 24.42 14.19 16.91
CA LEU C 131 24.53 13.07 17.83
C LEU C 131 23.17 12.40 17.89
N LEU C 132 23.08 11.17 17.42
CA LEU C 132 21.82 10.45 17.31
C LEU C 132 21.77 9.38 18.39
N ALA C 133 21.17 9.68 19.53
CA ALA C 133 21.28 8.86 20.72
C ALA C 133 20.00 8.06 20.95
N TYR C 134 20.17 6.84 21.42
CA TYR C 134 19.09 6.00 21.93
C TYR C 134 19.34 5.76 23.41
N SER C 135 18.29 5.87 24.22
CA SER C 135 18.41 5.71 25.66
C SER C 135 17.34 4.74 26.12
N PRO C 136 17.70 3.57 26.62
CA PRO C 136 16.70 2.66 27.19
C PRO C 136 16.14 3.26 28.46
N PRO C 137 14.89 2.94 28.80
CA PRO C 137 14.21 3.61 29.91
C PRO C 137 14.71 3.11 31.27
N GLY C 138 14.12 3.66 32.32
CA GLY C 138 14.50 3.33 33.67
C GLY C 138 14.92 4.59 34.38
N ALA C 139 15.67 5.41 33.67
CA ALA C 139 15.85 6.81 34.02
C ALA C 139 14.78 7.60 33.27
N GLY C 140 14.92 8.92 33.22
CA GLY C 140 13.96 9.73 32.51
C GLY C 140 14.40 10.01 31.09
N VAL C 141 14.26 11.26 30.68
CA VAL C 141 14.73 11.76 29.40
C VAL C 141 16.09 12.39 29.62
N PRO C 142 17.09 12.16 28.77
CA PRO C 142 18.35 12.91 28.89
C PRO C 142 18.13 14.38 28.59
N LYS C 143 18.58 15.23 29.50
CA LYS C 143 18.26 16.66 29.47
C LYS C 143 19.35 17.51 28.85
N ASN C 144 20.52 16.94 28.55
CA ASN C 144 21.58 17.66 27.86
C ASN C 144 22.35 16.66 27.01
N ARG C 145 23.36 17.15 26.30
CA ARG C 145 24.16 16.27 25.46
C ARG C 145 25.07 15.37 26.28
N ARG C 146 25.37 15.77 27.52
CA ARG C 146 26.19 14.94 28.40
C ARG C 146 25.43 13.70 28.83
N GLU C 147 24.15 13.82 29.15
CA GLU C 147 23.36 12.65 29.52
C GLU C 147 22.93 11.83 28.32
N ALA C 148 22.98 12.40 27.12
CA ALA C 148 22.57 11.65 25.94
C ALA C 148 23.69 10.79 25.39
N MET C 149 24.94 11.17 25.61
CA MET C 149 26.08 10.43 25.08
C MET C 149 26.46 9.25 25.96
N LEU C 150 25.69 8.96 26.99
CA LEU C 150 25.86 7.79 27.83
C LEU C 150 25.09 6.58 27.32
N GLY C 151 24.32 6.72 26.25
CA GLY C 151 23.56 5.63 25.69
C GLY C 151 24.07 5.20 24.33
N THR C 152 23.26 4.40 23.65
CA THR C 152 23.56 3.98 22.29
C THR C 152 23.45 5.17 21.36
N HIS C 153 24.57 5.62 20.81
CA HIS C 153 24.57 6.82 20.00
C HIS C 153 25.50 6.64 18.81
N ILE C 154 25.47 7.62 17.92
CA ILE C 154 26.34 7.66 16.75
C ILE C 154 26.57 9.12 16.38
N ILE C 155 27.81 9.46 16.04
CA ILE C 155 28.13 10.78 15.54
C ILE C 155 28.06 10.73 14.02
N TRP C 156 27.25 11.59 13.43
CA TRP C 156 27.08 11.61 11.98
C TRP C 156 27.68 12.87 11.39
N ASP C 157 28.59 12.68 10.44
CA ASP C 157 29.24 13.76 9.72
C ASP C 157 28.56 13.92 8.37
N ILE C 158 28.27 15.16 7.99
CA ILE C 158 27.61 15.45 6.73
C ILE C 158 28.67 15.69 5.65
N GLY C 159 28.65 14.85 4.62
CA GLY C 159 29.60 14.97 3.53
C GLY C 159 29.01 14.58 2.19
N LEU C 160 29.74 13.74 1.46
CA LEU C 160 29.25 13.24 0.18
C LEU C 160 28.13 12.23 0.39
N GLN C 161 28.34 11.25 1.26
CA GLN C 161 27.31 10.28 1.60
C GLN C 161 26.26 10.98 2.45
N SER C 162 25.09 11.22 1.88
CA SER C 162 24.17 12.23 2.42
C SER C 162 23.27 11.71 3.52
N SER C 163 23.27 10.40 3.81
CA SER C 163 22.33 9.87 4.80
C SER C 163 23.04 8.92 5.75
N CYS C 164 22.60 8.93 7.01
CA CYS C 164 23.11 8.07 8.05
C CYS C 164 22.01 7.12 8.50
N VAL C 165 22.41 6.06 9.18
CA VAL C 165 21.47 5.07 9.70
C VAL C 165 21.74 4.89 11.19
N LEU C 166 20.77 5.23 12.02
CA LEU C 166 20.76 4.83 13.43
C LEU C 166 19.95 3.56 13.56
N CYS C 167 20.63 2.44 13.79
CA CYS C 167 19.97 1.15 13.92
C CYS C 167 19.71 0.89 15.39
N VAL C 168 18.46 1.07 15.81
CA VAL C 168 18.07 0.92 17.21
C VAL C 168 18.16 -0.54 17.62
N PRO C 169 18.99 -0.88 18.61
CA PRO C 169 19.13 -2.29 18.99
C PRO C 169 17.96 -2.77 19.80
N TRP C 170 17.63 -4.05 19.64
CA TRP C 170 16.59 -4.67 20.44
C TRP C 170 17.09 -4.95 21.84
N ILE C 171 16.69 -4.12 22.79
CA ILE C 171 17.09 -4.25 24.19
C ILE C 171 15.80 -4.34 25.00
N SER C 172 15.50 -5.52 25.52
CA SER C 172 14.22 -5.69 26.19
C SER C 172 14.32 -6.72 27.30
N GLN C 173 13.39 -6.61 28.25
CA GLN C 173 13.22 -7.65 29.26
C GLN C 173 12.66 -8.92 28.63
N THR C 174 11.54 -8.78 27.94
CA THR C 174 10.78 -9.90 27.40
C THR C 174 11.20 -10.18 25.96
N HIS C 175 10.42 -11.01 25.27
CA HIS C 175 10.64 -11.25 23.85
C HIS C 175 9.82 -10.33 22.95
N TYR C 176 8.67 -9.85 23.43
CA TYR C 176 7.76 -9.04 22.65
C TYR C 176 7.33 -7.84 23.47
N ARG C 177 7.13 -6.70 22.82
CA ARG C 177 6.52 -5.58 23.51
C ARG C 177 5.04 -5.60 23.22
N PHE C 178 4.35 -4.53 23.61
CA PHE C 178 2.98 -4.28 23.19
C PHE C 178 2.95 -3.10 22.24
N VAL C 179 2.04 -3.15 21.27
CA VAL C 179 1.89 -2.05 20.34
C VAL C 179 1.16 -0.89 21.02
N SER C 180 0.14 -1.18 21.82
CA SER C 180 -0.52 -0.15 22.60
C SER C 180 0.33 0.19 23.81
N LYS C 181 -0.06 1.24 24.53
CA LYS C 181 0.76 1.80 25.60
C LYS C 181 0.50 1.09 26.92
N ASP C 182 1.57 0.65 27.58
CA ASP C 182 1.50 0.23 28.97
C ASP C 182 2.84 0.52 29.65
N ILE C 183 2.79 0.55 30.98
CA ILE C 183 3.96 0.93 31.76
C ILE C 183 5.01 -0.17 31.77
N TYR C 184 4.59 -1.43 31.63
CA TYR C 184 5.48 -2.57 31.79
C TYR C 184 6.45 -2.67 30.61
N THR C 185 5.95 -2.62 29.39
CA THR C 185 6.79 -2.68 28.19
C THR C 185 6.95 -1.27 27.63
N ASP C 186 7.84 -0.49 28.23
CA ASP C 186 8.25 0.79 27.69
C ASP C 186 9.62 0.62 27.03
N ALA C 187 9.86 1.35 25.94
CA ALA C 187 10.97 1.03 25.06
C ALA C 187 12.10 2.05 25.03
N GLY C 188 11.81 3.34 25.23
CA GLY C 188 12.90 4.29 25.33
C GLY C 188 12.63 5.54 24.55
N PHE C 189 13.69 6.30 24.32
CA PHE C 189 13.60 7.65 23.80
C PHE C 189 14.60 7.85 22.69
N ILE C 190 14.14 8.35 21.55
CA ILE C 190 15.00 8.72 20.43
C ILE C 190 15.20 10.22 20.46
N THR C 191 16.46 10.64 20.50
CA THR C 191 16.79 12.05 20.68
C THR C 191 17.96 12.40 19.76
N CYS C 192 18.09 13.70 19.47
CA CYS C 192 19.06 14.19 18.50
C CYS C 192 19.60 15.53 18.94
N TRP C 193 20.92 15.70 18.86
CA TRP C 193 21.62 16.80 19.49
C TRP C 193 22.66 17.38 18.53
N TYR C 194 23.03 18.63 18.76
CA TYR C 194 24.07 19.28 17.96
C TYR C 194 25.44 18.90 18.51
N GLN C 195 26.22 18.16 17.72
CA GLN C 195 27.62 17.96 18.06
C GLN C 195 28.40 19.25 17.80
N THR C 196 28.51 19.64 16.53
CA THR C 196 28.99 20.94 16.14
C THR C 196 27.92 21.61 15.30
N SER C 197 28.03 22.92 15.13
CA SER C 197 26.98 23.69 14.47
C SER C 197 27.00 23.46 12.96
N ILE C 198 26.10 24.14 12.26
CA ILE C 198 26.10 24.16 10.80
C ILE C 198 26.90 25.37 10.36
N VAL C 199 28.10 25.14 9.85
CA VAL C 199 28.93 26.20 9.30
C VAL C 199 28.66 26.30 7.81
N VAL C 200 28.33 27.49 7.35
CA VAL C 200 27.89 27.69 5.97
C VAL C 200 28.71 28.86 5.43
N PRO C 201 29.04 28.91 4.15
CA PRO C 201 29.77 30.06 3.63
C PRO C 201 28.83 31.21 3.32
N ALA C 202 29.39 32.27 2.74
CA ALA C 202 28.61 33.43 2.38
C ALA C 202 27.74 33.15 1.17
N GLU C 203 26.62 33.90 1.08
CA GLU C 203 25.63 33.83 0.01
C GLU C 203 24.99 32.45 -0.11
N VAL C 204 24.89 31.72 1.00
CA VAL C 204 24.22 30.42 1.04
C VAL C 204 23.22 30.49 2.19
N GLN C 205 22.04 29.89 1.99
CA GLN C 205 21.02 29.89 3.02
C GLN C 205 21.44 29.07 4.23
N ASN C 206 21.04 29.55 5.41
CA ASN C 206 21.49 29.04 6.69
C ASN C 206 20.57 27.92 7.20
N GLN C 207 19.26 28.15 7.11
CA GLN C 207 18.28 27.19 7.61
C GLN C 207 18.04 26.10 6.56
N SER C 208 18.19 24.84 6.97
CA SER C 208 18.01 23.70 6.10
C SER C 208 17.07 22.68 6.74
N VAL C 209 16.91 21.54 6.09
CA VAL C 209 15.85 20.57 6.38
C VAL C 209 16.46 19.18 6.46
N ILE C 210 16.18 18.47 7.55
CA ILE C 210 16.50 17.05 7.68
C ILE C 210 15.22 16.23 7.47
N LEU C 211 15.30 15.18 6.65
CA LEU C 211 14.23 14.21 6.53
C LEU C 211 14.58 12.93 7.29
N CYS C 212 13.55 12.25 7.77
CA CYS C 212 13.72 11.08 8.62
C CYS C 212 12.98 9.88 8.05
N PHE C 213 13.55 8.68 8.24
CA PHE C 213 12.97 7.45 7.71
C PHE C 213 12.90 6.40 8.80
N VAL C 214 12.02 5.41 8.63
CA VAL C 214 11.91 4.30 9.56
C VAL C 214 11.59 3.04 8.76
N SER C 215 12.10 1.90 9.23
CA SER C 215 11.77 0.58 8.70
C SER C 215 12.15 -0.47 9.73
N ALA C 216 11.88 -1.72 9.42
CA ALA C 216 12.23 -2.83 10.29
C ALA C 216 13.47 -3.55 9.77
N CYS C 217 14.17 -4.22 10.67
CA CYS C 217 15.34 -5.01 10.30
C CYS C 217 14.92 -6.40 9.88
N ASN C 218 15.89 -7.29 9.69
CA ASN C 218 15.62 -8.65 9.26
C ASN C 218 15.27 -9.59 10.41
N ASP C 219 15.23 -9.10 11.64
CA ASP C 219 14.86 -9.92 12.79
C ASP C 219 13.56 -9.48 13.43
N PHE C 220 12.66 -8.91 12.64
CA PHE C 220 11.48 -8.25 13.17
C PHE C 220 10.28 -9.17 13.10
N SER C 221 9.31 -8.98 14.01
CA SER C 221 8.17 -9.89 14.08
C SER C 221 6.94 -9.18 14.62
N VAL C 222 5.77 -9.76 14.33
CA VAL C 222 4.48 -9.36 14.89
C VAL C 222 3.69 -10.64 15.20
N ARG C 223 2.84 -10.59 16.23
CA ARG C 223 2.23 -11.84 16.66
C ARG C 223 0.70 -11.86 16.64
N LEU C 224 0.01 -10.91 17.28
CA LEU C 224 -1.43 -11.06 17.57
C LEU C 224 -2.28 -10.16 16.69
N LEU C 225 -3.20 -10.76 15.91
CA LEU C 225 -4.13 -9.97 15.11
C LEU C 225 -5.14 -9.24 15.97
N ARG C 226 -5.50 -8.03 15.54
CA ARG C 226 -6.61 -7.28 16.08
C ARG C 226 -7.05 -6.28 15.03
N ASP C 227 -8.16 -5.59 15.30
CA ASP C 227 -8.62 -4.57 14.37
C ASP C 227 -7.89 -3.26 14.63
N SER C 228 -7.74 -2.48 13.56
CA SER C 228 -7.03 -1.22 13.66
C SER C 228 -7.85 -0.20 14.45
N PRO C 229 -7.21 0.63 15.26
CA PRO C 229 -7.95 1.68 15.98
C PRO C 229 -8.31 2.89 15.14
N PHE C 230 -8.09 2.85 13.83
CA PHE C 230 -8.23 3.98 12.94
C PHE C 230 -9.54 3.96 12.17
N VAL C 231 -10.09 2.78 11.92
CA VAL C 231 -11.30 2.63 11.14
C VAL C 231 -12.50 3.06 11.99
N ARG C 232 -13.22 4.08 11.52
CA ARG C 232 -14.38 4.62 12.24
C ARG C 232 -15.46 4.93 11.22
N GLN C 233 -16.44 4.04 11.08
CA GLN C 233 -17.62 4.34 10.28
C GLN C 233 -18.86 4.29 11.15
N THR C 234 -19.88 5.02 10.72
CA THR C 234 -21.15 5.12 11.43
C THR C 234 -22.30 4.49 10.67
N ALA C 235 -22.45 4.83 9.40
CA ALA C 235 -23.46 4.22 8.55
C ALA C 235 -22.79 3.53 7.37
N PHE C 236 -23.61 3.03 6.45
CA PHE C 236 -23.07 2.37 5.28
C PHE C 236 -22.68 3.40 4.23
N TYR C 237 -22.10 2.89 3.14
CA TYR C 237 -21.47 3.70 2.11
C TYR C 237 -22.31 3.78 0.83
N GLN C 238 -23.62 3.95 0.98
CA GLN C 238 -24.49 4.21 -0.18
C GLN C 238 -24.13 5.51 -0.88
N GLY D 1 -5.83 -41.96 0.58
CA GLY D 1 -5.55 -40.66 0.00
C GLY D 1 -5.29 -39.59 1.04
N ALA D 2 -4.69 -39.98 2.15
CA ALA D 2 -4.45 -39.09 3.27
C ALA D 2 -3.06 -38.49 3.20
N GLN D 3 -2.90 -37.35 3.88
CA GLN D 3 -1.62 -36.65 3.93
C GLN D 3 -1.31 -36.27 5.37
N VAL D 4 -0.09 -36.54 5.80
CA VAL D 4 0.36 -36.25 7.16
C VAL D 4 1.38 -35.13 7.11
N SER D 5 1.19 -34.11 7.94
CA SER D 5 2.13 -32.99 8.01
C SER D 5 2.16 -32.46 9.43
N THR D 6 3.22 -31.72 9.75
CA THR D 6 3.48 -31.29 11.11
C THR D 6 2.58 -30.14 11.52
N GLN D 7 2.42 -30.00 12.83
CA GLN D 7 1.60 -28.95 13.41
C GLN D 7 2.45 -27.74 13.77
N LYS D 8 1.77 -26.63 14.06
CA LYS D 8 2.43 -25.42 14.51
C LYS D 8 2.72 -25.53 15.99
N THR D 9 3.97 -25.82 16.33
CA THR D 9 4.41 -25.91 17.72
C THR D 9 5.51 -24.89 17.99
N GLY D 10 5.76 -24.66 19.27
CA GLY D 10 6.76 -23.71 19.68
C GLY D 10 8.16 -24.27 19.60
N ALA D 11 9.12 -23.47 20.05
CA ALA D 11 10.51 -23.86 20.06
C ALA D 11 10.88 -24.45 21.42
N HIS D 12 12.06 -25.10 21.45
CA HIS D 12 12.80 -25.52 22.65
C HIS D 12 12.13 -26.70 23.36
N GLU D 13 10.97 -27.15 22.86
CA GLU D 13 10.30 -28.34 23.39
C GLU D 13 9.37 -28.92 22.34
N ILE D 23 2.20 -33.69 17.46
CA ILE D 23 2.23 -33.17 16.11
C ILE D 23 1.68 -34.19 15.12
N HIS D 24 1.95 -33.98 13.83
CA HIS D 24 1.57 -34.88 12.73
C HIS D 24 0.06 -35.08 12.65
N TYR D 25 -0.64 -34.01 12.25
CA TYR D 25 -2.08 -34.14 12.04
C TYR D 25 -2.36 -34.83 10.71
N THR D 26 -3.64 -35.12 10.47
CA THR D 26 -4.09 -35.90 9.33
C THR D 26 -5.19 -35.15 8.59
N ASN D 27 -5.03 -34.99 7.28
CA ASN D 27 -5.97 -34.23 6.46
C ASN D 27 -6.38 -35.07 5.25
N ILE D 28 -7.68 -35.11 4.98
CA ILE D 28 -8.23 -35.78 3.80
C ILE D 28 -9.18 -34.81 3.13
N ASN D 29 -9.00 -34.60 1.83
CA ASN D 29 -9.87 -33.73 1.07
C ASN D 29 -11.11 -34.49 0.63
N TYR D 30 -12.27 -33.85 0.75
CA TYR D 30 -13.54 -34.55 0.58
C TYR D 30 -14.36 -34.11 -0.63
N TYR D 31 -13.97 -33.04 -1.31
CA TYR D 31 -14.79 -32.48 -2.39
C TYR D 31 -14.02 -32.46 -3.69
N LYS D 32 -14.76 -32.48 -4.79
CA LYS D 32 -14.19 -32.66 -6.12
C LYS D 32 -13.50 -31.42 -6.67
N ASP D 33 -13.60 -30.27 -6.02
CA ASP D 33 -13.02 -29.03 -6.52
C ASP D 33 -11.89 -28.58 -5.63
N ALA D 34 -10.98 -27.81 -6.21
CA ALA D 34 -9.90 -27.24 -5.43
C ALA D 34 -10.32 -26.00 -4.65
N ALA D 35 -11.50 -25.47 -4.93
CA ALA D 35 -12.00 -24.30 -4.22
C ALA D 35 -12.66 -24.65 -2.89
N SER D 36 -12.79 -25.94 -2.57
CA SER D 36 -13.35 -26.37 -1.30
C SER D 36 -12.28 -26.66 -0.25
N ASN D 37 -11.01 -26.64 -0.62
CA ASN D 37 -9.96 -27.02 0.31
C ASN D 37 -9.77 -25.93 1.37
N SER D 38 -9.08 -26.30 2.44
CA SER D 38 -8.84 -25.38 3.53
C SER D 38 -7.76 -24.37 3.16
N ALA D 39 -7.56 -23.38 4.04
CA ALA D 39 -6.58 -22.34 3.78
C ALA D 39 -5.16 -22.84 3.95
N ASN D 40 -4.25 -22.34 3.11
CA ASN D 40 -2.84 -22.76 3.14
C ASN D 40 -2.07 -21.87 4.11
N ARG D 41 -2.22 -22.15 5.39
CA ARG D 41 -1.68 -21.31 6.45
C ARG D 41 -0.32 -21.77 6.95
N GLN D 42 0.51 -22.38 6.10
CA GLN D 42 1.84 -22.82 6.50
C GLN D 42 2.92 -22.46 5.49
N ASP D 43 2.72 -21.42 4.70
CA ASP D 43 3.73 -20.94 3.77
C ASP D 43 4.38 -19.71 4.39
N PHE D 44 5.57 -19.90 4.97
CA PHE D 44 6.22 -18.87 5.76
C PHE D 44 7.38 -18.22 5.01
N THR D 45 7.48 -18.45 3.71
CA THR D 45 8.60 -17.96 2.94
C THR D 45 8.37 -16.50 2.52
N GLN D 46 9.45 -15.84 2.14
CA GLN D 46 9.41 -14.43 1.76
C GLN D 46 10.58 -14.12 0.86
N ASP D 47 10.55 -12.93 0.27
CA ASP D 47 11.62 -12.41 -0.57
C ASP D 47 11.51 -10.90 -0.67
N PRO D 48 12.10 -10.13 0.26
CA PRO D 48 12.06 -8.67 0.12
C PRO D 48 13.18 -8.11 -0.75
N GLY D 49 13.49 -8.77 -1.85
CA GLY D 49 14.51 -8.26 -2.74
C GLY D 49 13.99 -7.38 -3.84
N LYS D 50 12.67 -7.33 -3.96
CA LYS D 50 11.99 -6.50 -4.94
C LYS D 50 11.43 -5.22 -4.36
N PHE D 51 11.40 -5.10 -3.03
CA PHE D 51 10.96 -3.88 -2.35
C PHE D 51 12.12 -3.14 -1.70
N THR D 52 12.87 -3.84 -0.85
CA THR D 52 14.21 -3.41 -0.52
C THR D 52 15.16 -3.92 -1.60
N GLU D 53 16.24 -3.18 -1.81
CA GLU D 53 17.18 -3.38 -2.92
C GLU D 53 16.60 -3.51 -4.33
N PRO D 54 15.72 -2.56 -4.78
CA PRO D 54 15.17 -2.74 -6.13
C PRO D 54 15.99 -2.07 -7.23
N VAL D 55 17.31 -2.22 -7.26
CA VAL D 55 18.12 -1.39 -8.15
C VAL D 55 18.96 -2.25 -9.09
N LYS D 56 19.50 -1.60 -10.10
CA LYS D 56 20.54 -2.11 -10.96
C LYS D 56 21.89 -1.75 -10.36
N ASP D 57 22.89 -2.62 -10.57
CA ASP D 57 24.26 -2.45 -10.08
C ASP D 57 24.30 -2.36 -8.55
N ILE D 58 24.03 -3.51 -7.93
CA ILE D 58 23.81 -3.63 -6.47
C ILE D 58 25.00 -3.16 -5.64
N MET D 59 24.70 -2.85 -4.37
CA MET D 59 25.62 -2.20 -3.45
C MET D 59 26.10 -3.19 -2.39
N VAL D 60 27.32 -3.00 -1.91
CA VAL D 60 28.07 -4.03 -1.20
C VAL D 60 28.17 -3.73 0.31
N LYS D 61 27.43 -2.71 0.79
CA LYS D 61 27.10 -2.47 2.21
C LYS D 61 28.28 -1.99 3.05
N SER D 62 29.50 -2.07 2.54
CA SER D 62 30.67 -1.57 3.21
C SER D 62 31.41 -0.52 2.42
N LEU D 63 31.33 -0.59 1.09
CA LEU D 63 31.86 0.43 0.21
C LEU D 63 31.01 1.69 0.35
N PRO D 64 31.54 2.86 -0.05
CA PRO D 64 30.72 4.09 0.04
C PRO D 64 29.47 4.07 -0.82
N ALA D 65 29.49 3.40 -1.99
CA ALA D 65 28.27 2.99 -2.69
C ALA D 65 27.35 4.14 -3.11
N LEU D 66 27.71 4.85 -4.20
CA LEU D 66 27.67 6.30 -4.48
C LEU D 66 29.01 6.87 -4.05
N ASN D 67 30.03 6.02 -4.05
CA ASN D 67 31.42 6.45 -3.97
C ASN D 67 31.83 7.43 -5.08
C1 SPH E . -13.33 -6.55 -4.90
O1 SPH E . -12.00 -6.94 -4.64
C2 SPH E . -14.18 -7.77 -5.23
N2 SPH E . -14.28 -7.90 -6.66
C3 SPH E . -13.59 -9.05 -4.63
O3 SPH E . -13.19 -8.77 -3.31
C4 SPH E . -14.60 -10.16 -4.62
C5 SPH E . -16.02 -9.86 -4.46
C6 SPH E . -16.93 -10.86 -3.81
C7 SPH E . -17.13 -12.11 -4.68
C8 SPH E . -17.59 -13.24 -3.77
C9 SPH E . -18.54 -14.21 -4.47
C10 SPH E . -19.73 -13.51 -5.11
C11 SPH E . -21.02 -14.24 -4.76
C12 SPH E . -21.27 -14.22 -3.25
C13 SPH E . -22.55 -14.93 -2.80
C14 SPH E . -23.03 -16.05 -3.72
C15 SPH E . -23.41 -17.28 -2.91
C16 SPH E . -23.71 -18.46 -3.82
C17 SPH E . -24.70 -19.43 -3.18
C18 SPH E . -26.03 -18.77 -2.92
#